data_3SDB
#
_entry.id   3SDB
#
_cell.length_a   179.937
_cell.length_b   179.937
_cell.length_c   98.716
_cell.angle_alpha   90.00
_cell.angle_beta   90.00
_cell.angle_gamma   90.00
#
_symmetry.space_group_name_H-M   'I 4 2 2'
#
loop_
_entity.id
_entity.type
_entity.pdbx_description
1 polymer 'Glutamine-dependent NAD(+) synthetase'
2 water water
#
_entity_poly.entity_id   1
_entity_poly.type   'polypeptide(L)'
_entity_poly.pdbx_seq_one_letter_code
;SMNFYSAYQHGFVRVAACTHHTTIGDPAANAASVLDMARACHDDGAALAVFPELTLSGYSIEDVLLQDSLLDAVEDALLD
LVTESADLLPVLVVGAPLRHRHRIYNTAVVIHRGAVLGVVPKSYLPTYREFYERRQMAPGDGERGTIRIGGADVAFGTDL
LFAASDLPGFVLHVEIAEDMFVPMPPSAEAALAGATVLANLSGSPITIGRAEDRRLLARSASARCLAAYVYAAAGEGEST
TDLAWDGQTMIWENGALLAESERFPKGVRRSVADVDTELLRSERLRMGTFDDNRRHHRELTESFRRIDFALDPPAGDIGL
LREVERFPFVPADPQRLQQDCYEAYNIQVSGLEQRLRALDYPKVVIGVSGGLDSTHALIVATHAMDREGRPRSDILAFAL
PGFATGEHTKNNAIKLARALGVTFSEIDIGDTARLMLHTIGHPYSVGEKVYDVTFENVQAGLRTDYLFRIANQRGGIVLG
TGDLSELALGWSTYGVGDQMSHYNVNAGVPKTLIQHLIRWVISAGEFGEKVGEVLQSVLDTEITPELIPTGEEELQSSEA
KVGPFALQDFSLFQVLRYGFRPSKIAFLAWHAWNDAERGNWPPGFPKSERPSYSLAEIRHWLQIFVQRFYSFSQFKRSAL
PNGPKVSHGGALSPRGDWRAPSDMSARIWLDQIDREVPKG
;
_entity_poly.pdbx_strand_id   A
#
# COMPACT_ATOMS: atom_id res chain seq x y z
N SER A 1 -8.74 -7.33 -25.13
CA SER A 1 -8.59 -6.11 -25.93
C SER A 1 -7.54 -5.10 -25.41
N MET A 2 -7.51 -4.79 -24.11
CA MET A 2 -6.37 -4.05 -23.56
C MET A 2 -5.10 -4.88 -23.84
N ASN A 3 -3.93 -4.23 -23.85
CA ASN A 3 -2.68 -4.94 -23.76
C ASN A 3 -2.49 -5.21 -22.30
N PHE A 4 -2.68 -6.46 -21.92
CA PHE A 4 -2.71 -6.84 -20.52
C PHE A 4 -1.38 -6.57 -19.81
N TYR A 5 -0.28 -6.62 -20.58
CA TYR A 5 1.04 -6.48 -19.97
C TYR A 5 1.54 -5.03 -19.84
N SER A 6 0.70 -4.09 -20.25
CA SER A 6 1.01 -2.66 -20.22
C SER A 6 0.71 -2.02 -18.85
N ALA A 7 1.73 -1.52 -18.16
CA ALA A 7 1.54 -0.88 -16.86
C ALA A 7 0.66 0.37 -17.02
N TYR A 8 0.88 1.16 -18.08
CA TYR A 8 0.00 2.35 -18.34
C TYR A 8 -1.47 1.95 -18.51
N GLN A 9 -1.73 0.81 -19.16
CA GLN A 9 -3.16 0.46 -19.32
C GLN A 9 -3.80 -0.03 -18.03
N HIS A 10 -2.99 -0.36 -17.01
CA HIS A 10 -3.52 -0.72 -15.72
C HIS A 10 -3.53 0.45 -14.72
N GLY A 11 -3.36 1.69 -15.21
CA GLY A 11 -3.41 2.84 -14.33
C GLY A 11 -2.12 3.22 -13.59
N PHE A 12 -0.97 2.59 -13.93
CA PHE A 12 0.32 3.08 -13.41
C PHE A 12 0.82 4.32 -14.16
N VAL A 13 1.59 5.14 -13.47
CA VAL A 13 2.33 6.21 -14.13
C VAL A 13 3.80 6.09 -13.72
N ARG A 14 4.67 6.02 -14.72
CA ARG A 14 6.08 5.88 -14.43
C ARG A 14 6.75 7.23 -14.17
N VAL A 15 7.40 7.36 -13.01
CA VAL A 15 7.94 8.66 -12.65
C VAL A 15 9.41 8.51 -12.24
N ALA A 16 10.22 9.56 -12.44
CA ALA A 16 11.67 9.53 -12.17
C ALA A 16 12.10 10.74 -11.36
N ALA A 17 12.93 10.53 -10.35
CA ALA A 17 13.57 11.62 -9.62
C ALA A 17 15.05 11.44 -9.95
N CYS A 18 15.70 12.51 -10.39
CA CYS A 18 17.02 12.48 -10.98
C CYS A 18 17.95 13.47 -10.25
N THR A 19 19.15 13.00 -9.96
CA THR A 19 20.20 13.89 -9.51
C THR A 19 21.24 13.88 -10.62
N HIS A 20 21.42 15.06 -11.21
CA HIS A 20 22.32 15.27 -12.37
C HIS A 20 23.70 15.69 -11.91
N HIS A 21 24.58 15.90 -12.87
CA HIS A 21 25.92 16.36 -12.49
C HIS A 21 25.94 17.88 -12.50
N THR A 22 26.14 18.51 -11.34
CA THR A 22 26.12 19.97 -11.30
C THR A 22 27.47 20.52 -11.78
N THR A 23 27.44 21.48 -12.71
CA THR A 23 28.63 22.30 -12.99
C THR A 23 28.24 23.72 -12.56
N ILE A 24 28.72 24.15 -11.40
CA ILE A 24 28.25 25.42 -10.87
C ILE A 24 28.57 26.58 -11.86
N GLY A 25 27.59 27.44 -12.11
CA GLY A 25 27.83 28.62 -12.92
C GLY A 25 28.04 28.30 -14.41
N ASP A 26 27.60 27.12 -14.85
CA ASP A 26 27.73 26.72 -16.27
C ASP A 26 26.41 26.10 -16.76
N PRO A 27 25.44 26.93 -17.16
CA PRO A 27 24.13 26.36 -17.50
C PRO A 27 24.13 25.40 -18.72
N ALA A 28 25.02 25.60 -19.69
CA ALA A 28 25.04 24.74 -20.83
C ALA A 28 25.47 23.33 -20.35
N ALA A 29 26.45 23.27 -19.46
CA ALA A 29 26.87 21.98 -18.94
C ALA A 29 25.77 21.32 -18.11
N ASN A 30 25.08 22.09 -17.27
CA ASN A 30 24.02 21.47 -16.46
C ASN A 30 22.92 20.96 -17.40
N ALA A 31 22.65 21.70 -18.46
CA ALA A 31 21.57 21.31 -19.35
C ALA A 31 21.95 20.05 -20.11
N ALA A 32 23.24 19.89 -20.45
CA ALA A 32 23.64 18.68 -21.16
C ALA A 32 23.50 17.44 -20.23
N SER A 33 23.78 17.61 -18.94
CA SER A 33 23.53 16.47 -18.00
C SER A 33 22.05 16.17 -17.94
N VAL A 34 21.24 17.21 -17.78
CA VAL A 34 19.76 17.08 -17.75
C VAL A 34 19.23 16.35 -19.00
N LEU A 35 19.64 16.82 -20.16
CA LEU A 35 19.15 16.21 -21.41
C LEU A 35 19.53 14.72 -21.49
N ASP A 36 20.77 14.37 -21.14
CA ASP A 36 21.19 12.97 -21.10
C ASP A 36 20.32 12.12 -20.20
N MET A 37 20.03 12.63 -18.99
CA MET A 37 19.17 11.91 -18.06
C MET A 37 17.71 11.84 -18.55
N ALA A 38 17.24 12.91 -19.15
CA ALA A 38 15.88 13.00 -19.67
C ALA A 38 15.72 11.97 -20.82
N ARG A 39 16.78 11.77 -21.59
CA ARG A 39 16.70 10.77 -22.65
C ARG A 39 16.66 9.33 -22.07
N ALA A 40 17.35 9.14 -20.96
CA ALA A 40 17.29 7.85 -20.30
C ALA A 40 15.87 7.65 -19.75
N CYS A 41 15.30 8.69 -19.16
CA CYS A 41 13.90 8.59 -18.71
C CYS A 41 12.93 8.28 -19.86
N HIS A 42 13.12 8.97 -20.99
CA HIS A 42 12.34 8.67 -22.19
C HIS A 42 12.47 7.20 -22.54
N ASP A 43 13.69 6.67 -22.58
CA ASP A 43 13.88 5.29 -23.04
C ASP A 43 13.18 4.30 -22.09
N ASP A 44 13.05 4.71 -20.82
CA ASP A 44 12.43 3.90 -19.77
C ASP A 44 10.92 4.06 -19.81
N GLY A 45 10.40 4.95 -20.66
CA GLY A 45 8.94 5.11 -20.71
C GLY A 45 8.35 5.94 -19.53
N ALA A 46 9.18 6.74 -18.90
CA ALA A 46 8.76 7.57 -17.78
C ALA A 46 7.94 8.75 -18.25
N ALA A 47 6.94 9.12 -17.45
CA ALA A 47 6.01 10.20 -17.76
C ALA A 47 6.49 11.50 -17.12
N LEU A 48 7.48 11.41 -16.24
CA LEU A 48 7.85 12.57 -15.42
C LEU A 48 9.30 12.43 -14.99
N ALA A 49 10.08 13.49 -15.09
CA ALA A 49 11.47 13.44 -14.60
C ALA A 49 11.72 14.72 -13.80
N VAL A 50 12.01 14.59 -12.50
CA VAL A 50 12.19 15.80 -11.66
C VAL A 50 13.68 15.94 -11.31
N PHE A 51 14.24 17.16 -11.36
CA PHE A 51 15.63 17.38 -11.17
C PHE A 51 15.82 18.25 -9.92
N PRO A 52 17.06 18.46 -9.46
CA PRO A 52 17.30 19.21 -8.22
C PRO A 52 17.06 20.68 -8.37
N GLU A 53 16.90 21.30 -7.20
CA GLU A 53 16.63 22.72 -7.15
C GLU A 53 17.67 23.51 -7.93
N LEU A 54 17.23 24.56 -8.64
CA LEU A 54 18.15 25.42 -9.40
C LEU A 54 19.07 24.61 -10.33
N THR A 55 18.53 23.55 -10.90
CA THR A 55 19.34 22.71 -11.82
C THR A 55 20.28 23.47 -12.74
N LEU A 56 19.78 24.48 -13.44
CA LEU A 56 20.57 25.04 -14.56
C LEU A 56 21.71 25.96 -14.10
N SER A 57 21.65 26.46 -12.89
CA SER A 57 22.72 27.37 -12.44
C SER A 57 23.70 26.72 -11.46
N GLY A 58 23.23 25.69 -10.76
CA GLY A 58 23.78 25.28 -9.46
C GLY A 58 23.02 26.06 -8.37
N TYR A 59 22.65 25.34 -7.33
CA TYR A 59 21.95 25.84 -6.15
C TYR A 59 22.87 26.70 -5.30
N SER A 60 24.14 26.31 -5.22
CA SER A 60 25.04 26.78 -4.19
C SER A 60 25.84 28.04 -4.55
N ILE A 61 25.47 28.72 -5.64
CA ILE A 61 26.37 29.78 -6.16
C ILE A 61 26.16 31.20 -5.57
N GLU A 62 25.21 31.33 -4.66
CA GLU A 62 25.13 32.55 -3.84
C GLU A 62 25.07 33.82 -4.77
N ASP A 63 25.95 34.80 -4.60
CA ASP A 63 25.71 36.08 -5.31
C ASP A 63 25.96 35.90 -6.81
N VAL A 64 26.51 34.75 -7.22
CA VAL A 64 26.72 34.53 -8.66
C VAL A 64 25.37 34.46 -9.42
N LEU A 65 24.34 34.03 -8.70
CA LEU A 65 22.97 34.07 -9.17
C LEU A 65 22.56 35.41 -9.75
N LEU A 66 23.16 36.49 -9.26
CA LEU A 66 22.73 37.85 -9.64
C LEU A 66 23.57 38.38 -10.85
N GLN A 67 24.45 37.55 -11.41
CA GLN A 67 25.36 38.08 -12.47
C GLN A 67 24.57 38.00 -13.79
N ASP A 68 24.57 39.08 -14.57
CA ASP A 68 23.78 39.08 -15.82
C ASP A 68 24.16 37.92 -16.75
N SER A 69 25.47 37.55 -16.81
CA SER A 69 25.89 36.48 -17.77
C SER A 69 25.42 35.13 -17.30
N LEU A 70 25.33 34.92 -15.97
CA LEU A 70 24.79 33.69 -15.43
C LEU A 70 23.30 33.61 -15.82
N LEU A 71 22.58 34.70 -15.58
CA LEU A 71 21.14 34.66 -15.83
C LEU A 71 20.86 34.54 -17.35
N ASP A 72 21.59 35.27 -18.17
CA ASP A 72 21.44 35.09 -19.63
C ASP A 72 21.74 33.66 -20.07
N ALA A 73 22.81 33.07 -19.53
CA ALA A 73 23.19 31.71 -19.92
C ALA A 73 22.09 30.69 -19.48
N VAL A 74 21.45 30.93 -18.32
CA VAL A 74 20.34 30.10 -17.87
C VAL A 74 19.17 30.18 -18.90
N GLU A 75 18.83 31.37 -19.32
CA GLU A 75 17.75 31.50 -20.30
C GLU A 75 18.11 30.73 -21.60
N ASP A 76 19.34 30.89 -22.09
CA ASP A 76 19.71 30.28 -23.39
C ASP A 76 19.64 28.75 -23.23
N ALA A 77 20.19 28.23 -22.12
CA ALA A 77 20.17 26.78 -21.89
C ALA A 77 18.75 26.23 -21.75
N LEU A 78 17.93 26.98 -21.01
CA LEU A 78 16.55 26.56 -20.79
C LEU A 78 15.80 26.43 -22.13
N LEU A 79 15.95 27.41 -23.01
CA LEU A 79 15.23 27.41 -24.28
C LEU A 79 15.67 26.21 -25.15
N ASP A 80 16.97 25.95 -25.14
CA ASP A 80 17.52 24.80 -25.84
C ASP A 80 16.99 23.45 -25.29
N LEU A 81 16.87 23.32 -23.97
CA LEU A 81 16.18 22.11 -23.42
C LEU A 81 14.73 22.04 -23.89
N VAL A 82 14.06 23.18 -23.87
CA VAL A 82 12.68 23.21 -24.31
C VAL A 82 12.59 22.68 -25.77
N THR A 83 13.47 23.14 -26.66
CA THR A 83 13.41 22.65 -28.06
C THR A 83 13.67 21.15 -28.08
N GLU A 84 14.69 20.71 -27.35
CA GLU A 84 14.95 19.25 -27.20
C GLU A 84 13.72 18.41 -26.76
N SER A 85 12.95 18.90 -25.78
CA SER A 85 11.79 18.17 -25.27
C SER A 85 10.72 17.82 -26.34
N ALA A 86 10.72 18.55 -27.47
CA ALA A 86 9.81 18.18 -28.55
C ALA A 86 9.79 16.66 -28.76
N ASP A 87 10.97 16.02 -28.63
CA ASP A 87 11.11 14.59 -28.91
C ASP A 87 11.19 13.70 -27.66
N LEU A 88 10.80 14.20 -26.50
CA LEU A 88 10.91 13.37 -25.30
C LEU A 88 9.51 13.16 -24.71
N LEU A 89 9.26 11.93 -24.26
CA LEU A 89 8.01 11.52 -23.60
C LEU A 89 7.75 12.25 -22.26
N PRO A 90 8.71 12.27 -21.34
CA PRO A 90 8.33 12.79 -20.01
C PRO A 90 8.16 14.29 -19.90
N VAL A 91 7.28 14.68 -19.00
CA VAL A 91 7.26 16.06 -18.55
C VAL A 91 8.60 16.21 -17.81
N LEU A 92 9.36 17.27 -18.07
CA LEU A 92 10.61 17.52 -17.34
C LEU A 92 10.32 18.65 -16.34
N VAL A 93 10.86 18.56 -15.13
CA VAL A 93 10.70 19.64 -14.17
C VAL A 93 12.14 20.03 -13.82
N VAL A 94 12.57 21.20 -14.28
CA VAL A 94 13.96 21.60 -14.24
C VAL A 94 14.06 22.95 -13.48
N GLY A 95 14.99 23.08 -12.55
CA GLY A 95 15.12 24.27 -11.72
C GLY A 95 15.93 25.33 -12.44
N ALA A 96 15.60 26.60 -12.21
CA ALA A 96 16.31 27.71 -12.86
C ALA A 96 16.05 28.97 -12.04
N PRO A 97 17.09 29.82 -11.85
CA PRO A 97 16.76 31.17 -11.42
C PRO A 97 16.29 32.01 -12.63
N LEU A 98 15.09 32.58 -12.55
CA LEU A 98 14.53 33.35 -13.68
C LEU A 98 14.10 34.74 -13.24
N ARG A 99 14.33 35.73 -14.11
CA ARG A 99 13.87 37.09 -13.88
C ARG A 99 12.37 37.20 -14.03
N HIS A 100 11.70 37.88 -13.11
CA HIS A 100 10.31 38.22 -13.35
C HIS A 100 10.06 39.51 -12.55
N ARG A 101 9.44 40.48 -13.23
CA ARG A 101 9.21 41.81 -12.65
C ARG A 101 10.49 42.41 -12.10
N HIS A 102 10.62 42.54 -10.77
CA HIS A 102 11.84 43.19 -10.22
C HIS A 102 12.99 42.29 -9.89
N ARG A 103 12.74 41.00 -9.72
CA ARG A 103 13.68 40.13 -9.05
C ARG A 103 13.93 38.82 -9.79
N ILE A 104 14.89 38.00 -9.30
CA ILE A 104 14.87 36.61 -9.76
C ILE A 104 14.19 35.79 -8.75
N TYR A 105 13.57 34.74 -9.27
CA TYR A 105 12.81 33.77 -8.47
C TYR A 105 13.54 32.45 -8.60
N ASN A 106 13.43 31.63 -7.55
CA ASN A 106 13.94 30.28 -7.54
C ASN A 106 12.85 29.42 -8.17
N THR A 107 13.01 28.94 -9.42
CA THR A 107 11.82 28.36 -10.10
C THR A 107 12.00 26.90 -10.52
N ALA A 108 10.85 26.23 -10.72
CA ALA A 108 10.82 24.97 -11.40
C ALA A 108 10.14 25.21 -12.72
N VAL A 109 10.80 24.83 -13.79
CA VAL A 109 10.19 25.05 -15.11
C VAL A 109 9.60 23.71 -15.58
N VAL A 110 8.34 23.69 -15.97
CA VAL A 110 7.71 22.40 -16.25
C VAL A 110 7.62 22.33 -17.78
N ILE A 111 8.26 21.33 -18.38
CA ILE A 111 8.51 21.37 -19.81
C ILE A 111 7.88 20.14 -20.38
N HIS A 112 7.21 20.24 -21.53
CA HIS A 112 6.66 19.03 -22.12
C HIS A 112 6.54 19.15 -23.65
N ARG A 113 7.14 18.22 -24.38
CA ARG A 113 6.92 18.17 -25.83
C ARG A 113 7.11 19.52 -26.51
N GLY A 114 8.21 20.19 -26.23
CA GLY A 114 8.52 21.40 -26.98
C GLY A 114 7.90 22.67 -26.45
N ALA A 115 7.19 22.62 -25.32
CA ALA A 115 6.56 23.84 -24.79
C ALA A 115 6.82 23.96 -23.29
N VAL A 116 6.71 25.16 -22.75
CA VAL A 116 6.79 25.29 -21.29
C VAL A 116 5.34 25.32 -20.80
N LEU A 117 4.97 24.39 -19.93
CA LEU A 117 3.60 24.36 -19.44
C LEU A 117 3.42 25.42 -18.33
N GLY A 118 4.44 25.68 -17.55
CA GLY A 118 4.26 26.58 -16.42
C GLY A 118 5.58 26.80 -15.69
N VAL A 119 5.66 27.86 -14.88
CA VAL A 119 6.87 28.11 -14.13
C VAL A 119 6.44 28.29 -12.68
N VAL A 120 7.04 27.55 -11.76
CA VAL A 120 6.55 27.54 -10.39
C VAL A 120 7.68 28.10 -9.49
N PRO A 121 7.45 29.26 -8.86
CA PRO A 121 8.47 29.79 -7.95
C PRO A 121 8.39 29.13 -6.56
N LYS A 122 9.51 29.03 -5.89
CA LYS A 122 9.58 28.57 -4.53
C LYS A 122 8.83 29.55 -3.65
N SER A 123 8.08 29.05 -2.69
CA SER A 123 7.26 29.95 -1.89
C SER A 123 8.01 30.51 -0.69
N TYR A 124 8.80 29.65 -0.02
CA TYR A 124 9.46 30.04 1.23
C TYR A 124 10.97 29.87 1.07
N LEU A 125 11.70 30.96 1.24
CA LEU A 125 13.13 30.98 0.99
C LEU A 125 13.86 31.07 2.32
N PRO A 126 14.46 29.98 2.74
CA PRO A 126 15.06 30.07 4.09
C PRO A 126 16.26 31.02 4.14
N THR A 127 16.32 31.80 5.21
CA THR A 127 17.46 32.67 5.43
C THR A 127 17.81 32.55 6.94
N TYR A 128 18.50 31.47 7.26
CA TYR A 128 18.87 31.10 8.63
C TYR A 128 19.93 30.00 8.52
N ARG A 129 20.70 29.82 9.59
CA ARG A 129 21.76 28.81 9.61
C ARG A 129 22.46 28.85 8.25
N GLU A 130 22.45 27.76 7.46
CA GLU A 130 23.37 27.77 6.29
C GLU A 130 22.73 28.39 5.05
N PHE A 131 21.47 28.82 5.17
CA PHE A 131 20.68 29.29 4.04
C PHE A 131 20.61 30.80 4.00
N TYR A 132 20.79 31.36 2.80
CA TYR A 132 20.84 32.82 2.63
C TYR A 132 19.95 33.26 1.46
N GLU A 133 18.87 32.53 1.21
CA GLU A 133 18.18 32.60 -0.09
C GLU A 133 17.48 33.93 -0.35
N ARG A 134 16.95 34.54 0.70
CA ARG A 134 16.21 35.84 0.49
C ARG A 134 17.19 36.94 0.07
N ARG A 135 18.50 36.69 0.18
CA ARG A 135 19.40 37.70 -0.25
C ARG A 135 19.38 37.84 -1.79
N GLN A 136 19.34 36.71 -2.51
CA GLN A 136 19.42 36.76 -3.99
C GLN A 136 18.03 36.64 -4.64
N MET A 137 17.09 36.02 -3.96
CA MET A 137 15.85 35.60 -4.63
C MET A 137 14.60 36.04 -3.92
N ALA A 138 13.55 36.30 -4.70
CA ALA A 138 12.24 36.75 -4.17
C ALA A 138 11.32 35.56 -3.80
N PRO A 139 10.49 35.73 -2.76
CA PRO A 139 9.52 34.65 -2.42
C PRO A 139 8.43 34.56 -3.51
N GLY A 140 7.95 33.37 -3.85
CA GLY A 140 6.94 33.22 -4.88
C GLY A 140 5.53 33.08 -4.28
N ASP A 141 5.39 33.06 -2.94
CA ASP A 141 4.06 32.77 -2.40
C ASP A 141 3.12 33.87 -2.79
N GLY A 142 1.92 33.54 -3.21
CA GLY A 142 1.02 34.60 -3.60
C GLY A 142 1.30 35.25 -4.96
N GLU A 143 2.27 34.76 -5.73
CA GLU A 143 2.48 35.36 -7.08
C GLU A 143 1.64 34.56 -8.14
N ARG A 144 1.01 35.24 -9.08
CA ARG A 144 0.16 34.55 -10.08
C ARG A 144 0.49 35.14 -11.45
N GLY A 145 -0.41 35.03 -12.42
CA GLY A 145 -0.15 35.71 -13.69
C GLY A 145 0.72 34.86 -14.61
N THR A 146 1.47 35.49 -15.49
CA THR A 146 2.21 34.77 -16.47
C THR A 146 3.62 35.32 -16.44
N ILE A 147 4.55 34.51 -16.96
CA ILE A 147 5.94 34.89 -17.17
C ILE A 147 6.24 34.70 -18.64
N ARG A 148 7.05 35.60 -19.19
CA ARG A 148 7.41 35.55 -20.61
C ARG A 148 8.66 34.70 -20.77
N ILE A 149 8.53 33.57 -21.47
CA ILE A 149 9.66 32.68 -21.78
C ILE A 149 9.65 32.36 -23.28
N GLY A 150 10.78 32.56 -23.95
CA GLY A 150 10.89 32.25 -25.37
C GLY A 150 9.75 32.68 -26.28
N GLY A 151 9.25 33.90 -26.12
CA GLY A 151 8.21 34.39 -27.01
C GLY A 151 6.79 33.96 -26.65
N ALA A 152 6.64 33.28 -25.51
CA ALA A 152 5.30 32.85 -25.05
C ALA A 152 5.04 33.34 -23.63
N ASP A 153 3.78 33.66 -23.35
CA ASP A 153 3.42 33.98 -21.99
C ASP A 153 2.92 32.70 -21.43
N VAL A 154 3.56 32.24 -20.36
CA VAL A 154 3.12 30.99 -19.78
C VAL A 154 2.77 31.22 -18.33
N ALA A 155 1.95 30.35 -17.80
CA ALA A 155 1.44 30.44 -16.43
C ALA A 155 2.60 30.48 -15.42
N PHE A 156 2.46 31.34 -14.41
CA PHE A 156 3.51 31.43 -13.40
C PHE A 156 2.87 31.50 -12.04
N GLY A 157 3.36 30.75 -11.08
CA GLY A 157 2.77 30.92 -9.75
C GLY A 157 2.71 29.65 -8.98
N THR A 158 2.21 29.77 -7.75
CA THR A 158 2.18 28.67 -6.83
C THR A 158 0.67 28.32 -6.70
N ASP A 159 0.01 28.14 -7.83
CA ASP A 159 -1.37 27.67 -7.84
C ASP A 159 -1.59 26.88 -9.13
N LEU A 160 -0.58 26.11 -9.56
CA LEU A 160 -0.70 25.49 -10.88
C LEU A 160 -0.83 23.98 -10.72
N LEU A 161 -1.77 23.37 -11.45
CA LEU A 161 -1.82 21.93 -11.59
C LEU A 161 -1.57 21.58 -13.06
N PHE A 162 -0.86 20.50 -13.32
CA PHE A 162 -0.64 20.03 -14.70
C PHE A 162 -1.32 18.66 -14.85
N ALA A 163 -2.40 18.62 -15.62
CA ALA A 163 -3.26 17.46 -15.64
C ALA A 163 -3.07 16.73 -16.98
N ALA A 164 -2.76 15.44 -16.95
CA ALA A 164 -2.64 14.72 -18.21
C ALA A 164 -4.07 14.45 -18.70
N SER A 165 -4.41 14.97 -19.86
CA SER A 165 -5.77 14.81 -20.33
C SER A 165 -6.05 13.37 -20.77
N ASP A 166 -5.01 12.60 -21.11
CA ASP A 166 -5.23 11.19 -21.43
C ASP A 166 -4.84 10.27 -20.26
N LEU A 167 -4.60 10.82 -19.07
CA LEU A 167 -4.26 9.94 -17.91
C LEU A 167 -4.80 10.65 -16.66
N PRO A 168 -6.10 10.63 -16.49
CA PRO A 168 -6.73 11.49 -15.46
C PRO A 168 -6.18 11.24 -14.05
N GLY A 169 -5.67 10.03 -13.76
CA GLY A 169 -5.08 9.76 -12.44
C GLY A 169 -3.78 10.48 -12.14
N PHE A 170 -3.21 11.14 -13.17
CA PHE A 170 -1.94 11.88 -13.09
C PHE A 170 -2.18 13.37 -13.17
N VAL A 171 -2.14 14.01 -12.00
CA VAL A 171 -2.27 15.44 -11.92
C VAL A 171 -1.08 15.90 -11.11
N LEU A 172 -0.20 16.68 -11.75
CA LEU A 172 1.07 17.09 -11.13
C LEU A 172 1.03 18.44 -10.40
N HIS A 173 1.70 18.53 -9.25
CA HIS A 173 1.93 19.81 -8.61
C HIS A 173 3.40 19.86 -8.21
N VAL A 174 4.00 21.03 -8.27
CA VAL A 174 5.41 21.18 -8.00
C VAL A 174 5.67 22.18 -6.87
N GLU A 175 6.59 21.84 -5.96
CA GLU A 175 7.02 22.78 -4.93
C GLU A 175 8.55 22.59 -4.78
N ILE A 176 9.20 23.41 -3.97
CA ILE A 176 10.66 23.39 -3.95
C ILE A 176 11.17 23.41 -2.50
N ALA A 177 11.89 22.33 -2.17
CA ALA A 177 12.71 22.21 -1.00
C ALA A 177 11.88 22.63 0.22
N GLU A 178 12.18 23.79 0.78
CA GLU A 178 11.66 24.33 2.05
C GLU A 178 10.14 24.35 2.03
N ASP A 179 9.57 24.49 0.84
CA ASP A 179 8.11 24.48 0.72
C ASP A 179 7.45 23.27 1.43
N MET A 180 8.08 22.12 1.50
CA MET A 180 7.40 21.00 2.17
C MET A 180 7.60 20.96 3.71
N PHE A 181 8.47 21.82 4.24
CA PHE A 181 8.89 21.80 5.67
C PHE A 181 8.09 22.73 6.56
N VAL A 182 7.25 23.60 5.98
CA VAL A 182 6.46 24.61 6.76
C VAL A 182 5.14 24.00 7.18
N PRO A 183 4.46 24.57 8.19
CA PRO A 183 3.27 23.91 8.73
C PRO A 183 2.15 23.73 7.68
N MET A 184 2.05 24.68 6.75
CA MET A 184 1.00 24.56 5.72
C MET A 184 1.64 24.63 4.33
N PRO A 185 2.11 23.50 3.88
CA PRO A 185 2.91 23.45 2.66
C PRO A 185 2.02 23.70 1.45
N PRO A 186 2.59 24.27 0.39
CA PRO A 186 1.73 24.44 -0.82
C PRO A 186 1.19 23.08 -1.35
N SER A 187 1.96 22.01 -1.27
CA SER A 187 1.51 20.75 -1.86
C SER A 187 0.25 20.20 -1.19
N ALA A 188 -0.02 20.58 0.07
CA ALA A 188 -1.17 20.03 0.79
C ALA A 188 -2.42 20.66 0.24
N GLU A 189 -2.36 21.94 -0.07
CA GLU A 189 -3.53 22.58 -0.68
C GLU A 189 -3.72 22.04 -2.11
N ALA A 190 -2.60 21.81 -2.80
CA ALA A 190 -2.68 21.26 -4.19
C ALA A 190 -3.26 19.83 -4.19
N ALA A 191 -2.91 19.03 -3.17
CA ALA A 191 -3.50 17.69 -3.10
C ALA A 191 -5.02 17.82 -3.00
N LEU A 192 -5.48 18.66 -2.07
CA LEU A 192 -6.93 18.84 -1.92
C LEU A 192 -7.54 19.41 -3.21
N ALA A 193 -6.75 20.19 -3.98
CA ALA A 193 -7.35 20.77 -5.20
C ALA A 193 -7.35 19.75 -6.34
N GLY A 194 -6.63 18.65 -6.18
CA GLY A 194 -6.73 17.58 -7.17
C GLY A 194 -5.36 16.98 -7.55
N ALA A 195 -4.25 17.58 -7.14
CA ALA A 195 -2.92 16.99 -7.43
C ALA A 195 -2.77 15.54 -6.88
N THR A 196 -2.27 14.60 -7.68
CA THR A 196 -2.06 13.22 -7.19
C THR A 196 -0.57 12.90 -7.11
N VAL A 197 0.22 13.65 -7.84
CA VAL A 197 1.69 13.41 -7.86
C VAL A 197 2.35 14.72 -7.46
N LEU A 198 3.08 14.73 -6.36
CA LEU A 198 3.61 16.02 -5.85
C LEU A 198 5.14 15.95 -6.07
N ALA A 199 5.74 16.91 -6.74
CA ALA A 199 7.16 16.88 -7.02
C ALA A 199 7.86 17.90 -6.12
N ASN A 200 9.07 17.58 -5.68
CA ASN A 200 9.92 18.50 -4.92
C ASN A 200 11.32 18.55 -5.49
N LEU A 201 11.76 19.73 -5.97
CA LEU A 201 13.15 19.93 -6.39
C LEU A 201 13.91 20.47 -5.19
N SER A 202 15.02 19.84 -4.78
CA SER A 202 15.70 20.31 -3.57
C SER A 202 17.16 20.50 -3.84
N GLY A 203 17.76 21.41 -3.08
CA GLY A 203 19.21 21.60 -3.15
C GLY A 203 19.69 20.82 -1.95
N SER A 204 19.34 21.33 -0.77
CA SER A 204 19.45 20.61 0.49
C SER A 204 20.85 20.13 0.79
N PRO A 205 21.75 21.08 1.16
CA PRO A 205 23.07 20.63 1.67
C PRO A 205 22.88 19.59 2.77
N ILE A 206 23.72 18.55 2.77
CA ILE A 206 23.48 17.43 3.65
C ILE A 206 24.24 17.62 4.97
N THR A 207 23.56 17.41 6.08
CA THR A 207 24.24 17.36 7.41
C THR A 207 23.78 16.11 8.12
N ILE A 208 24.46 15.75 9.19
CA ILE A 208 24.02 14.61 10.01
C ILE A 208 22.52 14.77 10.32
N GLY A 209 21.74 13.72 10.05
CA GLY A 209 20.30 13.73 10.43
C GLY A 209 19.33 14.30 9.42
N ARG A 210 19.86 15.05 8.47
CA ARG A 210 19.02 15.72 7.50
C ARG A 210 18.29 14.78 6.55
N ALA A 211 18.92 13.71 6.14
CA ALA A 211 18.21 12.74 5.28
C ALA A 211 16.97 12.19 6.03
N GLU A 212 17.08 11.95 7.33
CA GLU A 212 15.94 11.48 8.12
C GLU A 212 14.84 12.51 8.11
N ASP A 213 15.22 13.78 8.19
CA ASP A 213 14.26 14.88 8.16
C ASP A 213 13.56 14.95 6.81
N ARG A 214 14.32 14.78 5.72
CA ARG A 214 13.67 14.83 4.38
C ARG A 214 12.67 13.69 4.27
N ARG A 215 13.10 12.53 4.76
CA ARG A 215 12.28 11.35 4.65
C ARG A 215 10.99 11.52 5.44
N LEU A 216 11.13 11.93 6.70
CA LEU A 216 9.97 12.17 7.54
C LEU A 216 8.95 13.08 6.81
N LEU A 217 9.40 14.19 6.24
CA LEU A 217 8.48 15.18 5.69
C LEU A 217 7.91 14.69 4.36
N ALA A 218 8.72 14.00 3.54
CA ALA A 218 8.21 13.58 2.22
C ALA A 218 7.29 12.39 2.45
N ARG A 219 7.69 11.48 3.34
CA ARG A 219 6.83 10.33 3.61
C ARG A 219 5.46 10.76 4.18
N SER A 220 5.49 11.66 5.16
CA SER A 220 4.24 11.99 5.79
C SER A 220 3.42 12.86 4.80
N ALA A 221 4.07 13.72 3.99
CA ALA A 221 3.29 14.40 2.94
C ALA A 221 2.53 13.37 2.08
N SER A 222 3.22 12.32 1.66
CA SER A 222 2.63 11.38 0.72
C SER A 222 1.45 10.66 1.38
N ALA A 223 1.58 10.38 2.68
CA ALA A 223 0.49 9.74 3.42
C ALA A 223 -0.68 10.63 3.69
N ARG A 224 -0.42 11.82 4.22
CA ARG A 224 -1.51 12.69 4.63
C ARG A 224 -2.21 13.23 3.39
N CYS A 225 -1.51 13.29 2.29
CA CYS A 225 -2.07 13.84 1.05
C CYS A 225 -2.52 12.75 0.05
N LEU A 226 -2.47 11.48 0.48
CA LEU A 226 -2.94 10.33 -0.33
C LEU A 226 -2.37 10.50 -1.74
N ALA A 227 -1.05 10.65 -1.81
CA ALA A 227 -0.38 11.07 -3.05
C ALA A 227 0.93 10.38 -3.24
N ALA A 228 1.49 10.50 -4.45
CA ALA A 228 2.91 10.16 -4.63
C ALA A 228 3.70 11.46 -4.38
N TYR A 229 4.93 11.31 -3.87
CA TYR A 229 5.82 12.44 -3.57
C TYR A 229 7.16 12.09 -4.20
N VAL A 230 7.65 12.91 -5.13
CA VAL A 230 8.83 12.62 -5.95
C VAL A 230 9.87 13.67 -5.63
N TYR A 231 10.97 13.24 -5.02
CA TYR A 231 11.94 14.17 -4.41
C TYR A 231 13.32 13.98 -5.06
N ALA A 232 13.99 15.04 -5.49
CA ALA A 232 15.38 14.92 -5.99
C ALA A 232 16.24 16.02 -5.34
N ALA A 233 17.37 15.69 -4.73
CA ALA A 233 18.30 16.67 -4.14
C ALA A 233 19.59 16.75 -4.96
N ALA A 234 20.28 17.87 -4.84
CA ALA A 234 21.53 18.07 -5.58
C ALA A 234 22.65 17.20 -5.00
N GLY A 235 23.62 16.84 -5.85
CA GLY A 235 24.79 16.05 -5.43
C GLY A 235 26.13 16.57 -5.94
N GLU A 236 26.89 15.73 -6.64
CA GLU A 236 28.27 16.10 -6.95
C GLU A 236 28.29 17.27 -7.90
N GLY A 237 29.22 18.20 -7.64
CA GLY A 237 29.36 19.38 -8.48
C GLY A 237 28.95 20.65 -7.76
N GLU A 238 28.00 20.56 -6.82
CA GLU A 238 27.68 21.78 -6.04
C GLU A 238 28.94 22.21 -5.24
N SER A 239 29.08 23.50 -4.97
CA SER A 239 30.26 24.05 -4.30
C SER A 239 30.37 23.45 -2.91
N THR A 240 31.58 23.05 -2.53
CA THR A 240 31.80 22.62 -1.16
C THR A 240 32.64 23.69 -0.38
N THR A 241 32.43 24.94 -0.70
CA THR A 241 33.08 26.03 0.03
C THR A 241 32.68 25.95 1.54
N ASP A 242 31.40 25.70 1.81
CA ASP A 242 30.91 25.59 3.21
C ASP A 242 30.02 24.40 3.48
N LEU A 243 29.76 23.60 2.45
CA LEU A 243 28.67 22.63 2.50
C LEU A 243 28.96 21.36 1.72
N ALA A 244 28.31 20.24 2.09
CA ALA A 244 28.43 19.02 1.31
C ALA A 244 27.04 18.63 0.76
N TRP A 245 26.96 17.65 -0.13
CA TRP A 245 25.69 17.32 -0.84
C TRP A 245 25.65 15.79 -1.01
N ASP A 246 24.47 15.18 -0.95
CA ASP A 246 24.46 13.72 -1.04
C ASP A 246 23.68 13.18 -2.21
N GLY A 247 23.11 14.05 -3.01
CA GLY A 247 22.42 13.60 -4.23
C GLY A 247 21.25 12.67 -4.03
N GLN A 248 20.62 12.69 -2.85
CA GLN A 248 19.54 11.72 -2.61
C GLN A 248 18.30 11.92 -3.50
N THR A 249 17.72 10.85 -4.01
CA THR A 249 16.42 10.93 -4.70
C THR A 249 15.53 9.87 -4.11
N MET A 250 14.21 10.14 -4.07
CA MET A 250 13.32 9.14 -3.54
C MET A 250 11.92 9.35 -4.07
N ILE A 251 11.15 8.26 -4.08
CA ILE A 251 9.77 8.30 -4.54
C ILE A 251 8.87 7.63 -3.49
N TRP A 252 7.92 8.39 -2.95
CA TRP A 252 7.00 7.87 -1.92
C TRP A 252 5.58 7.75 -2.52
N GLU A 253 4.78 6.81 -2.04
CA GLU A 253 3.39 6.77 -2.44
C GLU A 253 2.56 6.43 -1.21
N ASN A 254 1.70 7.33 -0.81
CA ASN A 254 0.83 7.05 0.35
C ASN A 254 1.58 6.49 1.55
N GLY A 255 2.77 7.04 1.82
CA GLY A 255 3.48 6.56 3.00
C GLY A 255 4.43 5.42 2.73
N ALA A 256 4.35 4.79 1.56
CA ALA A 256 5.29 3.68 1.22
C ALA A 256 6.47 4.18 0.37
N LEU A 257 7.68 3.73 0.64
CA LEU A 257 8.78 4.10 -0.22
C LEU A 257 8.74 3.22 -1.47
N LEU A 258 8.58 3.82 -2.64
CA LEU A 258 8.65 3.02 -3.88
C LEU A 258 10.09 2.85 -4.36
N ALA A 259 10.93 3.88 -4.24
CA ALA A 259 12.29 3.74 -4.75
C ALA A 259 13.16 4.80 -4.11
N GLU A 260 14.47 4.54 -3.99
CA GLU A 260 15.39 5.58 -3.59
C GLU A 260 16.76 5.28 -4.15
N SER A 261 17.61 6.29 -4.23
CA SER A 261 18.88 6.08 -4.87
C SER A 261 20.03 6.16 -3.87
N GLU A 262 21.21 5.74 -4.34
CA GLU A 262 22.44 5.73 -3.55
C GLU A 262 22.80 7.13 -3.05
N ARG A 263 23.03 7.25 -1.74
CA ARG A 263 23.56 8.52 -1.16
C ARG A 263 25.06 8.73 -1.45
N PHE A 264 25.45 9.99 -1.63
CA PHE A 264 26.83 10.34 -1.93
C PHE A 264 27.35 9.50 -3.13
N PRO A 265 26.61 9.47 -4.24
CA PRO A 265 27.08 8.61 -5.35
C PRO A 265 28.26 9.21 -6.14
N LYS A 266 29.04 8.35 -6.78
CA LYS A 266 29.92 8.81 -7.86
C LYS A 266 29.11 8.68 -9.14
N GLY A 267 28.83 9.80 -9.77
CA GLY A 267 28.03 9.86 -10.98
C GLY A 267 26.55 10.10 -10.73
N VAL A 268 25.83 10.28 -11.80
CA VAL A 268 24.39 10.58 -11.69
C VAL A 268 23.58 9.35 -11.28
N ARG A 269 22.42 9.56 -10.66
CA ARG A 269 21.55 8.47 -10.25
C ARG A 269 20.10 8.91 -10.51
N ARG A 270 19.20 7.94 -10.67
CA ARG A 270 17.76 8.20 -10.74
C ARG A 270 17.04 7.15 -9.90
N SER A 271 15.94 7.56 -9.26
CA SER A 271 14.90 6.64 -8.76
C SER A 271 13.81 6.60 -9.83
N VAL A 272 13.35 5.43 -10.22
CA VAL A 272 12.33 5.28 -11.22
C VAL A 272 11.34 4.21 -10.73
N ALA A 273 10.04 4.52 -10.74
CA ALA A 273 9.05 3.62 -10.15
C ALA A 273 7.72 3.84 -10.82
N ASP A 274 6.93 2.79 -10.93
CA ASP A 274 5.54 2.93 -11.34
C ASP A 274 4.64 3.22 -10.13
N VAL A 275 4.07 4.43 -10.13
CA VAL A 275 3.08 4.88 -9.15
C VAL A 275 1.73 4.34 -9.56
N ASP A 276 1.02 3.70 -8.62
CA ASP A 276 -0.34 3.20 -8.93
C ASP A 276 -1.35 4.32 -8.75
N THR A 277 -1.74 4.98 -9.83
CA THR A 277 -2.72 6.08 -9.71
C THR A 277 -4.10 5.57 -9.25
N GLU A 278 -4.38 4.29 -9.46
CA GLU A 278 -5.65 3.73 -8.99
C GLU A 278 -5.58 3.49 -7.47
N LEU A 279 -4.40 3.17 -6.96
CA LEU A 279 -4.32 3.05 -5.51
C LEU A 279 -4.68 4.42 -4.87
N LEU A 280 -4.07 5.46 -5.39
CA LEU A 280 -4.34 6.83 -4.87
C LEU A 280 -5.80 7.19 -5.07
N ARG A 281 -6.35 6.87 -6.24
CA ARG A 281 -7.75 7.16 -6.50
C ARG A 281 -8.67 6.38 -5.49
N SER A 282 -8.35 5.10 -5.24
CA SER A 282 -9.20 4.27 -4.36
C SER A 282 -9.17 4.77 -2.90
N GLU A 283 -8.00 5.22 -2.46
CA GLU A 283 -7.86 5.77 -1.10
C GLU A 283 -8.65 7.05 -0.97
N ARG A 284 -8.55 7.92 -1.96
CA ARG A 284 -9.31 9.18 -1.90
C ARG A 284 -10.80 8.95 -2.05
N LEU A 285 -11.20 7.90 -2.77
CA LEU A 285 -12.65 7.62 -2.95
C LEU A 285 -13.30 7.25 -1.56
N ARG A 286 -12.50 6.59 -0.73
CA ARG A 286 -12.99 5.95 0.49
C ARG A 286 -12.87 6.89 1.68
N MET A 287 -11.83 7.73 1.67
CA MET A 287 -11.58 8.57 2.84
C MET A 287 -12.32 9.90 2.72
N GLY A 288 -13.60 9.92 3.12
CA GLY A 288 -14.46 11.03 2.80
C GLY A 288 -13.97 12.32 3.44
N THR A 289 -13.24 12.17 4.56
CA THR A 289 -12.81 13.38 5.30
C THR A 289 -11.74 14.12 4.52
N PHE A 290 -11.08 13.45 3.60
CA PHE A 290 -10.15 14.14 2.71
C PHE A 290 -10.91 15.20 1.93
N ASP A 291 -12.01 14.80 1.28
CA ASP A 291 -12.86 15.78 0.58
C ASP A 291 -13.55 16.76 1.55
N ASP A 292 -13.92 16.35 2.75
CA ASP A 292 -14.49 17.37 3.69
C ASP A 292 -13.47 18.48 3.96
N ASN A 293 -12.18 18.09 4.08
CA ASN A 293 -11.09 19.05 4.31
C ASN A 293 -11.00 19.99 3.11
N ARG A 294 -11.13 19.45 1.88
CA ARG A 294 -11.13 20.35 0.69
C ARG A 294 -12.31 21.35 0.80
N ARG A 295 -13.51 20.87 1.12
CA ARG A 295 -14.70 21.74 1.21
C ARG A 295 -14.49 22.80 2.30
N HIS A 296 -13.81 22.45 3.39
CA HIS A 296 -13.54 23.48 4.44
C HIS A 296 -12.69 24.60 3.86
N HIS A 297 -11.74 24.25 2.98
CA HIS A 297 -10.81 25.22 2.38
C HIS A 297 -11.18 25.47 0.90
N ARG A 298 -12.46 25.67 0.62
CA ARG A 298 -12.96 25.61 -0.75
C ARG A 298 -12.32 26.73 -1.58
N GLU A 299 -12.26 27.90 -1.01
CA GLU A 299 -11.80 29.09 -1.73
C GLU A 299 -10.34 28.95 -2.12
N LEU A 300 -9.53 28.49 -1.17
CA LEU A 300 -8.16 28.18 -1.40
C LEU A 300 -7.97 27.12 -2.51
N THR A 301 -8.75 26.04 -2.48
CA THR A 301 -8.50 24.89 -3.34
C THR A 301 -9.18 25.09 -4.70
N GLU A 302 -10.25 25.86 -4.80
CA GLU A 302 -11.00 25.94 -6.06
C GLU A 302 -10.37 26.86 -7.09
N SER A 303 -9.42 27.68 -6.64
CA SER A 303 -8.81 28.67 -7.49
C SER A 303 -7.49 28.23 -8.17
N PHE A 304 -6.98 27.00 -7.98
CA PHE A 304 -5.81 26.54 -8.75
C PHE A 304 -6.08 26.60 -10.24
N ARG A 305 -5.06 26.91 -11.04
CA ARG A 305 -5.19 26.87 -12.52
C ARG A 305 -4.69 25.50 -13.03
N ARG A 306 -5.51 24.87 -13.85
CA ARG A 306 -5.22 23.52 -14.33
C ARG A 306 -4.71 23.64 -15.75
N ILE A 307 -3.50 23.17 -15.97
CA ILE A 307 -2.90 23.25 -17.32
C ILE A 307 -2.86 21.85 -17.90
N ASP A 308 -3.52 21.66 -19.05
CA ASP A 308 -3.73 20.31 -19.60
C ASP A 308 -2.61 19.93 -20.54
N PHE A 309 -2.23 18.65 -20.56
CA PHE A 309 -1.28 18.17 -21.58
C PHE A 309 -1.62 16.75 -21.93
N ALA A 310 -1.22 16.33 -23.13
CA ALA A 310 -1.52 14.97 -23.53
C ALA A 310 -0.19 14.18 -23.41
N LEU A 311 -0.11 13.16 -22.56
CA LEU A 311 1.15 12.43 -22.39
C LEU A 311 1.45 11.46 -23.58
N ASP A 312 0.39 10.80 -24.04
CA ASP A 312 0.49 9.77 -25.09
C ASP A 312 1.59 8.68 -24.73
N PRO A 313 1.41 8.00 -23.58
CA PRO A 313 2.41 7.10 -23.04
C PRO A 313 2.52 5.84 -23.90
N PRO A 314 3.65 5.12 -23.78
CA PRO A 314 3.82 3.85 -24.48
C PRO A 314 2.72 2.84 -24.11
N ALA A 315 2.27 2.13 -25.13
CA ALA A 315 1.11 1.26 -25.00
C ALA A 315 1.52 -0.20 -24.76
N GLY A 316 2.83 -0.48 -24.88
CA GLY A 316 3.29 -1.86 -24.87
C GLY A 316 3.76 -2.32 -23.51
N ASP A 317 4.33 -3.52 -23.49
CA ASP A 317 4.94 -4.14 -22.30
C ASP A 317 6.25 -3.41 -21.99
N ILE A 318 6.26 -2.63 -20.93
CA ILE A 318 7.47 -2.04 -20.43
C ILE A 318 7.82 -2.55 -19.02
N GLY A 319 7.34 -3.75 -18.68
CA GLY A 319 7.52 -4.28 -17.34
C GLY A 319 6.71 -3.49 -16.31
N LEU A 320 7.05 -3.71 -15.04
CA LEU A 320 6.42 -2.99 -13.93
C LEU A 320 7.52 -2.70 -12.88
N LEU A 321 7.80 -1.42 -12.65
CA LEU A 321 8.86 -1.06 -11.74
C LEU A 321 8.29 -0.81 -10.35
N ARG A 322 8.00 -1.88 -9.65
CA ARG A 322 7.27 -1.80 -8.39
C ARG A 322 7.38 -3.17 -7.70
N GLU A 323 7.52 -3.15 -6.40
CA GLU A 323 7.61 -4.37 -5.62
C GLU A 323 6.16 -4.71 -5.33
N VAL A 324 5.71 -5.90 -5.70
CA VAL A 324 4.34 -6.30 -5.45
C VAL A 324 4.41 -7.51 -4.51
N GLU A 325 3.99 -7.33 -3.27
CA GLU A 325 4.15 -8.43 -2.28
C GLU A 325 3.29 -9.61 -2.72
N ARG A 326 3.79 -10.83 -2.63
CA ARG A 326 2.94 -12.00 -2.86
C ARG A 326 1.83 -12.13 -1.83
N PHE A 327 2.12 -11.65 -0.63
CA PHE A 327 1.16 -11.84 0.46
C PHE A 327 0.80 -10.48 1.03
N PRO A 328 -0.32 -9.89 0.57
CA PRO A 328 -0.58 -8.54 1.10
C PRO A 328 -0.82 -8.56 2.61
N PHE A 329 -1.21 -9.69 3.15
CA PHE A 329 -1.42 -9.82 4.59
C PHE A 329 -0.17 -10.29 5.35
N VAL A 330 0.85 -10.70 4.59
CA VAL A 330 2.06 -11.27 5.22
C VAL A 330 3.29 -10.59 4.59
N PRO A 331 3.70 -9.46 5.15
CA PRO A 331 4.92 -8.75 4.69
C PRO A 331 6.13 -9.67 4.65
N ALA A 332 6.85 -9.61 3.54
CA ALA A 332 8.11 -10.34 3.37
C ALA A 332 9.15 -9.89 4.38
N ASP A 333 9.23 -8.61 4.69
CA ASP A 333 10.28 -8.13 5.60
C ASP A 333 10.09 -8.75 7.01
N PRO A 334 11.10 -9.50 7.53
CA PRO A 334 10.98 -10.19 8.82
C PRO A 334 10.64 -9.28 10.01
N GLN A 335 11.24 -8.11 10.10
CA GLN A 335 10.95 -7.21 11.20
C GLN A 335 9.54 -6.72 11.12
N ARG A 336 9.09 -6.34 9.93
CA ARG A 336 7.73 -5.90 9.75
C ARG A 336 6.76 -7.02 10.04
N LEU A 337 7.05 -8.21 9.55
CA LEU A 337 6.17 -9.32 9.88
C LEU A 337 6.04 -9.65 11.40
N GLN A 338 7.16 -9.62 12.15
CA GLN A 338 7.15 -9.87 13.61
C GLN A 338 6.18 -8.86 14.25
N GLN A 339 6.29 -7.60 13.83
CA GLN A 339 5.46 -6.57 14.37
C GLN A 339 4.00 -6.83 14.08
N ASP A 340 3.70 -7.22 12.84
CA ASP A 340 2.30 -7.48 12.43
C ASP A 340 1.76 -8.61 13.30
N CYS A 341 2.58 -9.64 13.55
CA CYS A 341 2.08 -10.82 14.26
C CYS A 341 1.85 -10.45 15.74
N TYR A 342 2.81 -9.74 16.31
CA TYR A 342 2.62 -9.18 17.66
C TYR A 342 1.31 -8.42 17.76
N GLU A 343 1.04 -7.58 16.78
CA GLU A 343 -0.14 -6.78 16.81
C GLU A 343 -1.41 -7.58 16.64
N ALA A 344 -1.43 -8.46 15.63
CA ALA A 344 -2.62 -9.33 15.44
C ALA A 344 -2.91 -10.10 16.75
N TYR A 345 -1.88 -10.71 17.32
CA TYR A 345 -2.13 -11.57 18.46
C TYR A 345 -2.73 -10.77 19.60
N ASN A 346 -2.19 -9.60 19.88
CA ASN A 346 -2.75 -8.80 20.97
C ASN A 346 -4.15 -8.23 20.71
N ILE A 347 -4.42 -7.96 19.45
CA ILE A 347 -5.77 -7.58 19.02
C ILE A 347 -6.76 -8.69 19.37
N GLN A 348 -6.38 -9.92 19.01
CA GLN A 348 -7.25 -11.05 19.19
C GLN A 348 -7.45 -11.28 20.67
N VAL A 349 -6.35 -11.29 21.40
CA VAL A 349 -6.41 -11.55 22.83
C VAL A 349 -7.21 -10.46 23.58
N SER A 350 -6.88 -9.19 23.33
CA SER A 350 -7.56 -8.12 24.09
C SER A 350 -9.04 -8.02 23.70
N GLY A 351 -9.36 -8.33 22.44
CA GLY A 351 -10.77 -8.42 22.05
C GLY A 351 -11.56 -9.39 22.91
N LEU A 352 -11.03 -10.60 23.00
CA LEU A 352 -11.65 -11.66 23.79
C LEU A 352 -11.66 -11.30 25.29
N GLU A 353 -10.58 -10.72 25.80
CA GLU A 353 -10.57 -10.29 27.19
C GLU A 353 -11.75 -9.41 27.60
N GLN A 354 -12.06 -8.42 26.73
CA GLN A 354 -13.12 -7.48 27.00
C GLN A 354 -14.41 -8.26 27.00
N ARG A 355 -14.56 -9.19 26.05
CA ARG A 355 -15.80 -10.00 26.04
C ARG A 355 -15.97 -10.83 27.34
N LEU A 356 -14.86 -11.41 27.80
CA LEU A 356 -14.89 -12.23 29.02
C LEU A 356 -15.25 -11.37 30.25
N ARG A 357 -14.66 -10.18 30.36
CA ARG A 357 -14.97 -9.29 31.50
C ARG A 357 -16.45 -8.92 31.51
N ALA A 358 -16.96 -8.54 30.34
CA ALA A 358 -18.32 -8.05 30.26
C ALA A 358 -19.30 -9.16 30.63
N LEU A 359 -18.90 -10.40 30.45
CA LEU A 359 -19.82 -11.51 30.75
C LEU A 359 -19.49 -12.12 32.12
N ASP A 360 -18.67 -11.44 32.92
CA ASP A 360 -18.34 -11.95 34.27
C ASP A 360 -17.66 -13.35 34.22
N TYR A 361 -16.75 -13.48 33.25
CA TYR A 361 -15.89 -14.65 33.12
C TYR A 361 -16.63 -15.98 32.92
N PRO A 362 -17.37 -16.12 31.81
CA PRO A 362 -18.02 -17.42 31.59
C PRO A 362 -16.97 -18.49 31.32
N LYS A 363 -17.37 -19.76 31.32
CA LYS A 363 -16.48 -20.78 30.79
C LYS A 363 -16.49 -20.57 29.28
N VAL A 364 -15.46 -21.07 28.64
CA VAL A 364 -15.23 -20.85 27.23
C VAL A 364 -15.25 -22.21 26.53
N VAL A 365 -16.22 -22.41 25.64
CA VAL A 365 -16.36 -23.70 24.99
C VAL A 365 -15.74 -23.57 23.62
N ILE A 366 -14.87 -24.50 23.21
CA ILE A 366 -14.23 -24.38 21.88
C ILE A 366 -14.00 -25.77 21.21
N GLY A 367 -14.42 -25.88 19.95
CA GLY A 367 -14.18 -27.05 19.13
C GLY A 367 -12.77 -27.08 18.63
N VAL A 368 -12.06 -28.17 18.90
CA VAL A 368 -10.65 -28.27 18.48
C VAL A 368 -10.40 -29.48 17.59
N SER A 369 -9.96 -29.26 16.37
CA SER A 369 -9.87 -30.29 15.35
C SER A 369 -8.41 -30.72 15.17
N GLY A 370 -7.49 -29.95 15.74
CA GLY A 370 -6.08 -30.15 15.46
C GLY A 370 -5.59 -29.24 14.31
N GLY A 371 -6.53 -28.60 13.60
CA GLY A 371 -6.20 -27.74 12.46
C GLY A 371 -5.56 -26.43 12.89
N LEU A 372 -5.01 -25.67 11.93
CA LEU A 372 -4.33 -24.40 12.22
C LEU A 372 -5.22 -23.40 12.96
N ASP A 373 -6.44 -23.20 12.46
CA ASP A 373 -7.33 -22.15 12.94
C ASP A 373 -7.73 -22.41 14.41
N SER A 374 -8.13 -23.65 14.69
CA SER A 374 -8.64 -23.93 16.03
C SER A 374 -7.50 -24.08 17.07
N THR A 375 -6.35 -24.53 16.60
CA THR A 375 -5.11 -24.53 17.38
C THR A 375 -4.81 -23.10 17.86
N HIS A 376 -4.82 -22.16 16.93
CA HIS A 376 -4.45 -20.80 17.26
C HIS A 376 -5.49 -20.13 18.17
N ALA A 377 -6.78 -20.35 17.90
CA ALA A 377 -7.84 -19.79 18.73
C ALA A 377 -7.70 -20.30 20.18
N LEU A 378 -7.29 -21.55 20.34
CA LEU A 378 -7.16 -22.12 21.69
C LEU A 378 -5.98 -21.44 22.43
N ILE A 379 -4.92 -21.16 21.70
CA ILE A 379 -3.82 -20.37 22.27
C ILE A 379 -4.24 -18.95 22.70
N VAL A 380 -4.94 -18.25 21.82
CA VAL A 380 -5.51 -16.97 22.16
C VAL A 380 -6.43 -17.04 23.42
N ALA A 381 -7.33 -18.03 23.45
CA ALA A 381 -8.29 -18.20 24.54
C ALA A 381 -7.47 -18.39 25.85
N THR A 382 -6.41 -19.18 25.76
CA THR A 382 -5.57 -19.47 26.91
C THR A 382 -4.88 -18.23 27.46
N HIS A 383 -4.34 -17.42 26.57
CA HIS A 383 -3.61 -16.24 26.97
C HIS A 383 -4.59 -15.21 27.54
N ALA A 384 -5.80 -15.12 26.97
CA ALA A 384 -6.78 -14.18 27.46
C ALA A 384 -7.17 -14.56 28.88
N MET A 385 -7.34 -15.85 29.14
CA MET A 385 -7.69 -16.34 30.46
C MET A 385 -6.59 -16.04 31.47
N ASP A 386 -5.34 -16.38 31.11
CA ASP A 386 -4.18 -16.06 31.93
C ASP A 386 -4.18 -14.56 32.28
N ARG A 387 -4.27 -13.67 31.27
CA ARG A 387 -4.19 -12.25 31.56
C ARG A 387 -5.31 -11.76 32.51
N GLU A 388 -6.48 -12.42 32.46
CA GLU A 388 -7.65 -12.03 33.28
C GLU A 388 -7.68 -12.75 34.63
N GLY A 389 -6.61 -13.49 34.90
CA GLY A 389 -6.36 -14.18 36.15
C GLY A 389 -7.32 -15.32 36.34
N ARG A 390 -7.71 -15.96 35.24
CA ARG A 390 -8.79 -16.96 35.28
C ARG A 390 -8.16 -18.35 35.10
N PRO A 391 -8.74 -19.41 35.71
CA PRO A 391 -8.13 -20.75 35.57
C PRO A 391 -8.24 -21.31 34.14
N ARG A 392 -7.16 -21.89 33.62
CA ARG A 392 -7.19 -22.58 32.34
C ARG A 392 -8.21 -23.74 32.29
N SER A 393 -8.65 -24.22 33.45
CA SER A 393 -9.61 -25.31 33.46
C SER A 393 -11.04 -24.85 33.13
N ASP A 394 -11.25 -23.53 33.13
CA ASP A 394 -12.49 -22.95 32.67
C ASP A 394 -12.56 -22.94 31.14
N ILE A 395 -11.46 -23.32 30.48
CA ILE A 395 -11.55 -23.54 29.05
C ILE A 395 -12.00 -24.97 28.83
N LEU A 396 -13.08 -25.14 28.07
CA LEU A 396 -13.63 -26.47 27.83
C LEU A 396 -13.35 -26.83 26.36
N ALA A 397 -12.33 -27.62 26.08
CA ALA A 397 -12.02 -27.89 24.67
C ALA A 397 -12.63 -29.21 24.21
N PHE A 398 -13.24 -29.24 23.02
CA PHE A 398 -13.87 -30.48 22.54
C PHE A 398 -13.35 -30.92 21.19
N ALA A 399 -12.83 -32.14 21.15
CA ALA A 399 -12.67 -32.85 19.89
C ALA A 399 -14.02 -33.45 19.52
N LEU A 400 -14.43 -33.28 18.26
CA LEU A 400 -15.69 -33.88 17.79
C LEU A 400 -15.58 -34.73 16.50
N PRO A 401 -15.17 -36.02 16.62
CA PRO A 401 -14.99 -36.93 15.47
C PRO A 401 -16.26 -37.28 14.64
N GLY A 402 -16.08 -37.43 13.32
CA GLY A 402 -17.11 -37.95 12.42
C GLY A 402 -16.69 -39.21 11.66
N ASN A 411 -5.82 -35.53 17.62
CA ASN A 411 -4.44 -36.04 17.71
C ASN A 411 -3.47 -34.98 18.32
N ASN A 412 -3.11 -34.00 17.51
CA ASN A 412 -2.44 -32.81 18.02
C ASN A 412 -3.38 -31.97 18.89
N ALA A 413 -4.66 -32.21 18.71
CA ALA A 413 -5.66 -31.54 19.53
C ALA A 413 -5.57 -31.99 21.01
N ILE A 414 -5.57 -33.28 21.25
CA ILE A 414 -5.52 -33.68 22.64
C ILE A 414 -4.14 -33.37 23.28
N LYS A 415 -3.07 -33.59 22.51
CA LYS A 415 -1.73 -33.22 22.93
C LYS A 415 -1.67 -31.75 23.36
N LEU A 416 -2.17 -30.87 22.49
CA LEU A 416 -2.12 -29.46 22.79
C LEU A 416 -2.96 -29.08 24.00
N ALA A 417 -4.18 -29.61 24.09
CA ALA A 417 -5.03 -29.32 25.25
C ALA A 417 -4.39 -29.85 26.55
N ARG A 418 -3.86 -31.07 26.50
CA ARG A 418 -3.18 -31.61 27.67
C ARG A 418 -1.96 -30.74 28.04
N ALA A 419 -1.18 -30.34 27.04
CA ALA A 419 0.01 -29.52 27.30
C ALA A 419 -0.38 -28.16 27.86
N LEU A 420 -1.57 -27.66 27.54
CA LEU A 420 -1.96 -26.33 28.04
C LEU A 420 -2.58 -26.39 29.45
N GLY A 421 -3.10 -27.54 29.81
CA GLY A 421 -3.78 -27.70 31.09
C GLY A 421 -5.24 -27.22 31.06
N VAL A 422 -5.85 -27.22 29.87
CA VAL A 422 -7.28 -26.88 29.75
C VAL A 422 -8.12 -28.14 29.90
N THR A 423 -9.44 -27.99 30.02
CA THR A 423 -10.31 -29.18 30.15
C THR A 423 -10.65 -29.77 28.80
N PHE A 424 -10.23 -31.00 28.57
CA PHE A 424 -10.44 -31.58 27.27
C PHE A 424 -11.41 -32.74 27.32
N SER A 425 -12.31 -32.78 26.33
CA SER A 425 -13.31 -33.84 26.29
C SER A 425 -13.58 -34.23 24.84
N GLU A 426 -13.94 -35.46 24.57
CA GLU A 426 -14.05 -35.83 23.17
C GLU A 426 -15.39 -36.43 22.99
N ILE A 427 -16.25 -35.74 22.28
CA ILE A 427 -17.55 -36.26 22.00
C ILE A 427 -17.59 -36.77 20.56
N ASP A 428 -18.14 -37.97 20.39
CA ASP A 428 -18.26 -38.55 19.06
C ASP A 428 -19.67 -38.30 18.55
N ILE A 429 -19.74 -37.51 17.48
CA ILE A 429 -21.01 -37.14 16.85
C ILE A 429 -21.53 -38.19 15.87
N GLY A 430 -20.67 -39.13 15.49
CA GLY A 430 -21.05 -40.21 14.59
C GLY A 430 -22.49 -40.69 14.78
N ASP A 431 -22.86 -40.97 16.03
CA ASP A 431 -24.13 -41.62 16.36
C ASP A 431 -25.35 -40.72 16.24
N THR A 432 -25.20 -39.47 16.67
CA THR A 432 -26.32 -38.54 16.64
C THR A 432 -26.67 -38.15 15.20
N ALA A 433 -25.61 -37.98 14.41
CA ALA A 433 -25.66 -37.83 12.96
C ALA A 433 -26.55 -38.91 12.33
N ARG A 434 -26.14 -40.17 12.53
CA ARG A 434 -26.88 -41.31 12.05
C ARG A 434 -28.39 -41.17 12.29
N LEU A 435 -28.83 -40.94 13.54
CA LEU A 435 -30.27 -40.81 13.85
C LEU A 435 -30.89 -39.57 13.16
N MET A 436 -30.04 -38.58 12.85
CA MET A 436 -30.45 -37.41 12.07
C MET A 436 -30.73 -37.79 10.60
N LEU A 437 -29.69 -38.29 9.92
CA LEU A 437 -29.79 -38.70 8.51
C LEU A 437 -30.98 -39.63 8.25
N HIS A 438 -31.53 -40.21 9.32
CA HIS A 438 -32.63 -41.15 9.21
C HIS A 438 -33.96 -40.48 9.43
N THR A 439 -34.01 -39.56 10.38
CA THR A 439 -35.29 -38.97 10.75
C THR A 439 -35.78 -38.08 9.61
N ILE A 440 -34.83 -37.51 8.89
CA ILE A 440 -35.12 -36.83 7.62
C ILE A 440 -34.96 -37.81 6.46
N VAL A 453 -22.49 -35.41 0.79
CA VAL A 453 -22.27 -34.02 1.23
C VAL A 453 -23.38 -33.52 2.15
N THR A 454 -24.58 -34.09 1.99
CA THR A 454 -25.62 -33.93 3.00
C THR A 454 -24.98 -34.44 4.28
N PHE A 455 -24.68 -35.74 4.27
CA PHE A 455 -23.94 -36.41 5.33
C PHE A 455 -23.00 -35.44 6.04
N GLU A 456 -22.25 -34.67 5.25
CA GLU A 456 -21.15 -33.84 5.77
C GLU A 456 -21.55 -32.45 6.28
N ASN A 457 -22.80 -32.04 6.04
CA ASN A 457 -23.33 -30.81 6.65
C ASN A 457 -24.06 -31.13 7.95
N VAL A 458 -24.68 -32.31 8.00
CA VAL A 458 -25.32 -32.80 9.20
C VAL A 458 -24.30 -32.85 10.33
N GLN A 459 -23.10 -33.26 9.97
CA GLN A 459 -22.02 -33.36 10.93
C GLN A 459 -21.62 -31.98 11.44
N ALA A 460 -21.35 -31.09 10.50
CA ALA A 460 -20.95 -29.71 10.82
C ALA A 460 -21.98 -29.05 11.73
N GLY A 461 -23.25 -29.31 11.46
CA GLY A 461 -24.34 -28.68 12.20
C GLY A 461 -24.43 -29.25 13.60
N LEU A 462 -24.30 -30.57 13.68
CA LEU A 462 -24.35 -31.25 14.97
C LEU A 462 -23.19 -30.89 15.87
N ARG A 463 -22.06 -30.57 15.27
CA ARG A 463 -20.95 -30.02 16.03
C ARG A 463 -21.40 -28.75 16.73
N THR A 464 -21.96 -27.83 15.94
CA THR A 464 -22.34 -26.53 16.44
C THR A 464 -23.44 -26.67 17.48
N ASP A 465 -24.44 -27.50 17.16
CA ASP A 465 -25.60 -27.68 18.00
C ASP A 465 -25.15 -28.11 19.38
N TYR A 466 -24.27 -29.11 19.44
CA TYR A 466 -23.68 -29.61 20.68
C TYR A 466 -22.95 -28.54 21.46
N LEU A 467 -22.00 -27.89 20.77
CA LEU A 467 -21.20 -26.86 21.40
C LEU A 467 -22.13 -25.86 22.10
N PHE A 468 -23.16 -25.40 21.41
CA PHE A 468 -24.06 -24.41 22.02
C PHE A 468 -24.77 -25.05 23.19
N ARG A 469 -25.11 -26.33 23.07
CA ARG A 469 -25.91 -26.93 24.12
C ARG A 469 -25.09 -27.07 25.40
N ILE A 470 -23.84 -27.53 25.24
CA ILE A 470 -22.88 -27.63 26.34
C ILE A 470 -22.57 -26.27 26.97
N ALA A 471 -22.40 -25.25 26.12
CA ALA A 471 -22.21 -23.87 26.58
C ALA A 471 -23.41 -23.45 27.47
N ASN A 472 -24.64 -23.75 27.02
CA ASN A 472 -25.84 -23.45 27.81
C ASN A 472 -25.81 -24.12 29.15
N GLN A 473 -25.49 -25.40 29.10
CA GLN A 473 -25.47 -26.30 30.25
C GLN A 473 -24.36 -25.96 31.24
N ARG A 474 -23.25 -25.46 30.73
CA ARG A 474 -22.07 -25.34 31.59
C ARG A 474 -21.85 -23.89 32.03
N GLY A 475 -22.72 -22.98 31.59
CA GLY A 475 -22.58 -21.57 31.88
C GLY A 475 -21.39 -20.97 31.12
N GLY A 476 -21.38 -21.13 29.80
CA GLY A 476 -20.24 -20.76 29.00
C GLY A 476 -20.67 -20.12 27.70
N ILE A 477 -19.69 -19.68 26.91
CA ILE A 477 -19.95 -19.25 25.55
C ILE A 477 -19.09 -20.02 24.55
N VAL A 478 -19.55 -20.11 23.31
CA VAL A 478 -18.84 -20.77 22.25
C VAL A 478 -17.90 -19.81 21.53
N LEU A 479 -16.62 -20.14 21.49
CA LEU A 479 -15.69 -19.38 20.70
C LEU A 479 -15.57 -19.95 19.29
N GLY A 480 -15.70 -19.08 18.29
CA GLY A 480 -15.55 -19.53 16.91
C GLY A 480 -14.09 -19.54 16.48
N THR A 481 -13.78 -20.26 15.42
CA THR A 481 -12.38 -20.37 15.02
C THR A 481 -12.24 -20.13 13.52
N GLY A 482 -13.33 -19.98 12.81
CA GLY A 482 -13.22 -19.75 11.36
C GLY A 482 -12.51 -18.44 11.03
N ASP A 483 -11.83 -18.41 9.88
CA ASP A 483 -10.95 -17.31 9.55
C ASP A 483 -11.52 -16.39 8.46
N LEU A 484 -10.82 -15.29 8.23
CA LEU A 484 -11.36 -14.28 7.31
C LEU A 484 -11.50 -14.79 5.87
N SER A 485 -10.59 -15.67 5.45
CA SER A 485 -10.56 -16.13 4.07
C SER A 485 -11.77 -17.04 3.86
N GLU A 486 -12.11 -17.82 4.88
CA GLU A 486 -13.29 -18.64 4.82
C GLU A 486 -14.56 -17.78 4.75
N LEU A 487 -14.58 -16.68 5.47
CA LEU A 487 -15.68 -15.69 5.36
C LEU A 487 -15.76 -15.06 3.96
N ALA A 488 -14.59 -14.84 3.36
CA ALA A 488 -14.57 -14.16 2.06
C ALA A 488 -15.17 -15.08 1.00
N LEU A 489 -14.88 -16.37 1.08
CA LEU A 489 -15.29 -17.27 0.03
C LEU A 489 -16.61 -18.03 0.30
N GLY A 490 -17.20 -17.80 1.49
CA GLY A 490 -18.37 -18.54 1.93
C GLY A 490 -18.05 -20.03 2.04
N TRP A 491 -16.86 -20.34 2.56
CA TRP A 491 -16.47 -21.73 2.84
C TRP A 491 -16.87 -22.05 4.29
N SER A 492 -18.01 -22.70 4.44
CA SER A 492 -18.71 -22.74 5.72
C SER A 492 -20.15 -23.20 5.51
N THR A 493 -20.64 -23.99 6.46
CA THR A 493 -22.02 -24.47 6.46
C THR A 493 -22.89 -23.41 7.14
N TYR A 494 -23.72 -22.72 6.34
CA TYR A 494 -24.51 -21.63 6.89
C TYR A 494 -25.51 -22.07 7.97
N GLY A 495 -25.62 -21.24 9.00
CA GLY A 495 -26.72 -21.31 9.97
C GLY A 495 -26.31 -21.88 11.30
N VAL A 496 -26.96 -22.99 11.67
CA VAL A 496 -26.33 -23.93 12.59
C VAL A 496 -25.12 -24.49 11.81
N GLY A 497 -23.93 -24.00 12.16
CA GLY A 497 -22.71 -24.20 11.40
C GLY A 497 -21.54 -23.53 12.10
N ASP A 498 -20.35 -23.62 11.50
CA ASP A 498 -19.08 -23.18 12.10
C ASP A 498 -18.82 -21.66 12.10
N GLN A 499 -19.72 -20.92 11.45
CA GLN A 499 -19.71 -19.45 11.42
C GLN A 499 -20.21 -19.01 12.77
N MET A 500 -21.24 -19.70 13.23
CA MET A 500 -21.95 -19.33 14.43
C MET A 500 -21.13 -19.61 15.72
N SER A 501 -21.06 -18.60 16.56
CA SER A 501 -20.38 -18.72 17.84
C SER A 501 -20.74 -17.45 18.64
N HIS A 502 -20.38 -17.37 19.92
CA HIS A 502 -20.56 -16.09 20.66
C HIS A 502 -19.49 -15.06 20.36
N TYR A 503 -18.28 -15.49 19.97
CA TYR A 503 -17.22 -14.52 19.74
C TYR A 503 -16.18 -15.25 18.92
N ASN A 504 -15.81 -14.73 17.77
CA ASN A 504 -14.79 -15.39 16.91
C ASN A 504 -13.50 -14.59 16.87
N VAL A 505 -12.46 -15.04 17.57
CA VAL A 505 -11.21 -14.31 17.53
C VAL A 505 -10.48 -14.38 16.20
N ASN A 506 -10.82 -15.36 15.35
CA ASN A 506 -10.15 -15.50 14.02
C ASN A 506 -10.82 -14.81 12.84
N ALA A 507 -11.97 -14.20 13.09
CA ALA A 507 -12.83 -13.68 12.03
C ALA A 507 -12.16 -12.63 11.16
N GLY A 508 -11.20 -11.91 11.75
CA GLY A 508 -10.48 -10.85 11.08
C GLY A 508 -9.13 -11.33 10.50
N VAL A 509 -8.74 -12.59 10.68
CA VAL A 509 -7.38 -13.03 10.34
C VAL A 509 -7.45 -13.88 9.08
N PRO A 510 -6.79 -13.49 8.01
CA PRO A 510 -6.85 -14.30 6.79
C PRO A 510 -6.05 -15.58 6.96
N LYS A 511 -6.42 -16.62 6.22
CA LYS A 511 -5.73 -17.86 6.34
C LYS A 511 -4.23 -17.69 6.15
N THR A 512 -3.77 -16.81 5.24
CA THR A 512 -2.33 -16.80 4.96
C THR A 512 -1.55 -16.32 6.17
N LEU A 513 -2.17 -15.53 7.05
CA LEU A 513 -1.45 -15.03 8.21
C LEU A 513 -1.47 -16.03 9.37
N ILE A 514 -2.49 -16.88 9.42
CA ILE A 514 -2.63 -17.77 10.57
C ILE A 514 -1.33 -18.53 10.89
N GLN A 515 -0.69 -19.13 9.89
CA GLN A 515 0.49 -19.93 10.21
C GLN A 515 1.62 -19.12 10.84
N HIS A 516 1.73 -17.87 10.44
CA HIS A 516 2.76 -17.01 10.97
C HIS A 516 2.47 -16.59 12.41
N LEU A 517 1.21 -16.39 12.75
CA LEU A 517 0.84 -16.10 14.14
C LEU A 517 1.24 -17.28 15.03
N ILE A 518 1.09 -18.50 14.51
CA ILE A 518 1.47 -19.69 15.28
C ILE A 518 2.99 -19.73 15.42
N ARG A 519 3.70 -19.58 14.30
CA ARG A 519 5.16 -19.46 14.36
C ARG A 519 5.63 -18.39 15.37
N TRP A 520 4.99 -17.22 15.32
CA TRP A 520 5.32 -16.13 16.24
C TRP A 520 5.11 -16.58 17.71
N VAL A 521 3.98 -17.20 17.96
CA VAL A 521 3.75 -17.71 19.30
C VAL A 521 4.85 -18.72 19.72
N ILE A 522 5.27 -19.60 18.81
CA ILE A 522 6.30 -20.56 19.14
C ILE A 522 7.60 -19.84 19.51
N SER A 523 8.00 -18.89 18.67
CA SER A 523 9.20 -18.07 18.87
C SER A 523 9.12 -17.32 20.18
N ALA A 524 7.97 -16.73 20.47
CA ALA A 524 7.75 -16.10 21.78
C ALA A 524 8.22 -17.10 22.86
N GLY A 525 7.73 -18.33 22.80
CA GLY A 525 8.18 -19.37 23.72
C GLY A 525 7.60 -19.12 25.10
N GLU A 526 6.61 -18.22 25.18
CA GLU A 526 6.06 -17.82 26.47
C GLU A 526 5.17 -18.94 27.05
N PHE A 527 4.71 -19.86 26.21
CA PHE A 527 3.99 -21.06 26.72
C PHE A 527 4.83 -22.26 27.23
N GLY A 528 6.16 -22.24 27.01
CA GLY A 528 7.00 -23.34 27.44
C GLY A 528 7.21 -24.33 26.31
N GLU A 529 8.16 -25.25 26.47
CA GLU A 529 8.68 -26.01 25.32
C GLU A 529 7.75 -27.13 24.91
N LYS A 530 7.12 -27.79 25.87
CA LYS A 530 6.11 -28.76 25.53
C LYS A 530 5.02 -28.18 24.61
N VAL A 531 4.43 -27.04 24.99
CA VAL A 531 3.42 -26.45 24.12
C VAL A 531 4.03 -26.07 22.75
N GLY A 532 5.24 -25.56 22.75
CA GLY A 532 5.87 -25.18 21.50
C GLY A 532 6.07 -26.37 20.56
N GLU A 533 6.44 -27.53 21.14
CA GLU A 533 6.58 -28.76 20.38
C GLU A 533 5.24 -29.17 19.73
N VAL A 534 4.14 -29.07 20.46
CA VAL A 534 2.85 -29.42 19.88
C VAL A 534 2.42 -28.44 18.74
N LEU A 535 2.70 -27.15 18.93
CA LEU A 535 2.32 -26.17 17.92
C LEU A 535 3.15 -26.44 16.68
N GLN A 536 4.42 -26.79 16.88
CA GLN A 536 5.29 -27.05 15.74
C GLN A 536 4.81 -28.29 15.02
N SER A 537 4.40 -29.28 15.79
CA SER A 537 3.78 -30.43 15.16
C SER A 537 2.51 -30.07 14.34
N VAL A 538 1.66 -29.20 14.88
CA VAL A 538 0.51 -28.73 14.11
C VAL A 538 0.94 -28.11 12.76
N LEU A 539 1.93 -27.22 12.79
CA LEU A 539 2.39 -26.59 11.56
C LEU A 539 2.90 -27.66 10.60
N ASP A 540 3.71 -28.58 11.11
CA ASP A 540 4.35 -29.57 10.26
C ASP A 540 3.29 -30.48 9.63
N THR A 541 2.26 -30.81 10.39
CA THR A 541 1.23 -31.74 9.94
C THR A 541 0.25 -31.06 8.96
N GLU A 542 -0.15 -29.82 9.27
CA GLU A 542 -1.24 -29.16 8.54
C GLU A 542 -0.79 -28.48 7.24
N ILE A 543 0.39 -27.88 7.25
CA ILE A 543 0.88 -27.09 6.12
C ILE A 543 1.28 -27.94 4.90
N THR A 544 2.15 -28.93 5.10
CA THR A 544 2.24 -30.12 4.23
C THR A 544 3.57 -30.81 4.39
N SER A 558 -10.28 -28.53 0.18
CA SER A 558 -10.76 -27.19 0.47
C SER A 558 -10.13 -26.19 -0.49
N GLU A 559 -8.82 -26.00 -0.39
CA GLU A 559 -8.06 -25.40 -1.49
C GLU A 559 -8.31 -26.09 -2.86
N ALA A 560 -8.98 -27.24 -2.88
CA ALA A 560 -9.25 -27.87 -4.17
C ALA A 560 -10.55 -27.33 -4.80
N LYS A 561 -11.49 -26.92 -3.95
CA LYS A 561 -12.72 -26.30 -4.45
C LYS A 561 -12.47 -24.81 -4.69
N VAL A 562 -11.89 -24.13 -3.71
CA VAL A 562 -11.74 -22.69 -3.81
C VAL A 562 -10.38 -22.23 -4.30
N GLY A 563 -9.42 -23.15 -4.47
CA GLY A 563 -8.07 -22.81 -4.93
C GLY A 563 -7.06 -22.38 -3.86
N PRO A 564 -5.86 -21.98 -4.27
CA PRO A 564 -4.84 -21.66 -3.26
C PRO A 564 -5.25 -20.45 -2.42
N PHE A 565 -5.19 -20.57 -1.10
CA PHE A 565 -5.44 -19.35 -0.28
C PHE A 565 -4.48 -18.18 -0.50
N ALA A 566 -3.25 -18.50 -0.89
CA ALA A 566 -2.28 -17.45 -1.29
C ALA A 566 -2.84 -16.55 -2.41
N LEU A 567 -3.52 -17.15 -3.42
CA LEU A 567 -4.13 -16.33 -4.48
C LEU A 567 -5.46 -15.71 -4.00
N GLN A 568 -6.22 -16.44 -3.18
CA GLN A 568 -7.53 -15.87 -2.86
C GLN A 568 -7.35 -14.77 -1.82
N ASP A 569 -6.35 -14.89 -0.96
CA ASP A 569 -6.08 -13.76 -0.04
C ASP A 569 -5.53 -12.57 -0.76
N PHE A 570 -4.77 -12.81 -1.83
CA PHE A 570 -4.26 -11.69 -2.65
C PHE A 570 -5.45 -10.87 -3.25
N SER A 571 -6.39 -11.58 -3.89
CA SER A 571 -7.52 -10.86 -4.47
C SER A 571 -8.39 -10.22 -3.35
N LEU A 572 -8.57 -10.90 -2.21
CA LEU A 572 -9.43 -10.36 -1.16
C LEU A 572 -8.90 -8.98 -0.76
N PHE A 573 -7.61 -8.88 -0.48
CA PHE A 573 -7.01 -7.58 -0.12
C PHE A 573 -7.27 -6.51 -1.20
N GLN A 574 -7.00 -6.85 -2.45
CA GLN A 574 -7.14 -5.81 -3.50
C GLN A 574 -8.60 -5.34 -3.54
N VAL A 575 -9.55 -6.27 -3.46
CA VAL A 575 -10.98 -5.90 -3.51
C VAL A 575 -11.38 -5.11 -2.25
N LEU A 576 -11.06 -5.64 -1.09
CA LEU A 576 -11.57 -5.05 0.15
C LEU A 576 -10.93 -3.69 0.44
N ARG A 577 -9.61 -3.60 0.25
CA ARG A 577 -8.97 -2.31 0.44
C ARG A 577 -9.24 -1.31 -0.71
N TYR A 578 -9.17 -1.75 -1.97
CA TYR A 578 -9.16 -0.76 -3.03
C TYR A 578 -10.29 -0.88 -4.03
N GLY A 579 -10.98 -2.01 -4.12
CA GLY A 579 -12.08 -2.14 -5.05
C GLY A 579 -11.54 -2.28 -6.49
N PHE A 580 -10.29 -2.70 -6.63
CA PHE A 580 -9.69 -2.79 -7.98
C PHE A 580 -10.46 -3.74 -8.88
N ARG A 581 -10.56 -3.40 -10.16
CA ARG A 581 -11.21 -4.32 -11.10
C ARG A 581 -10.45 -5.62 -11.32
N PRO A 582 -11.14 -6.70 -11.78
CA PRO A 582 -10.41 -7.95 -11.90
C PRO A 582 -9.16 -7.90 -12.78
N SER A 583 -9.13 -7.22 -13.93
CA SER A 583 -7.92 -7.31 -14.76
C SER A 583 -6.74 -6.68 -13.97
N LYS A 584 -7.01 -5.62 -13.21
CA LYS A 584 -5.95 -5.01 -12.39
C LYS A 584 -5.46 -5.98 -11.33
N ILE A 585 -6.38 -6.70 -10.69
CA ILE A 585 -5.95 -7.68 -9.74
C ILE A 585 -5.12 -8.79 -10.40
N ALA A 586 -5.59 -9.32 -11.53
CA ALA A 586 -4.77 -10.38 -12.19
C ALA A 586 -3.32 -9.90 -12.55
N PHE A 587 -3.23 -8.65 -13.00
CA PHE A 587 -1.95 -8.10 -13.42
C PHE A 587 -0.99 -8.03 -12.23
N LEU A 588 -1.45 -7.47 -11.12
CA LEU A 588 -0.65 -7.43 -9.87
C LEU A 588 -0.26 -8.83 -9.42
N ALA A 589 -1.25 -9.74 -9.39
CA ALA A 589 -0.99 -11.10 -8.95
C ALA A 589 0.01 -11.81 -9.86
N TRP A 590 -0.11 -11.58 -11.17
CA TRP A 590 0.84 -12.25 -12.12
C TRP A 590 2.25 -11.70 -11.87
N HIS A 591 2.38 -10.38 -11.70
CA HIS A 591 3.73 -9.85 -11.42
C HIS A 591 4.34 -10.38 -10.10
N ALA A 592 3.49 -10.57 -9.10
CA ALA A 592 3.95 -11.08 -7.79
C ALA A 592 4.28 -12.56 -7.85
N TRP A 593 3.50 -13.31 -8.62
CA TRP A 593 3.47 -14.77 -8.40
C TRP A 593 4.04 -15.62 -9.50
N ASN A 594 4.17 -15.07 -10.69
CA ASN A 594 4.50 -15.99 -11.80
C ASN A 594 5.92 -16.59 -11.80
N ASP A 595 6.84 -15.96 -11.09
CA ASP A 595 8.21 -16.41 -11.12
C ASP A 595 8.70 -16.44 -9.69
N ALA A 596 9.01 -17.63 -9.20
CA ALA A 596 9.27 -17.86 -7.81
C ALA A 596 10.60 -17.19 -7.46
N GLU A 597 11.45 -17.02 -8.47
CA GLU A 597 12.77 -16.40 -8.22
C GLU A 597 12.71 -14.85 -8.09
N ARG A 598 11.60 -14.23 -8.47
CA ARG A 598 11.51 -12.78 -8.41
C ARG A 598 10.89 -12.36 -7.09
N GLY A 599 11.22 -11.18 -6.60
CA GLY A 599 10.52 -10.66 -5.44
C GLY A 599 11.06 -11.32 -4.20
N ASN A 600 10.31 -11.24 -3.12
CA ASN A 600 10.84 -11.70 -1.84
C ASN A 600 9.78 -12.62 -1.31
N TRP A 601 10.19 -13.59 -0.50
CA TRP A 601 9.26 -14.44 0.23
C TRP A 601 9.40 -14.11 1.72
N PRO A 602 8.28 -14.15 2.47
CA PRO A 602 8.40 -13.98 3.93
C PRO A 602 9.23 -15.13 4.53
N PRO A 603 9.64 -15.01 5.80
CA PRO A 603 10.16 -16.19 6.56
C PRO A 603 9.19 -17.38 6.50
N GLY A 604 9.71 -18.61 6.58
CA GLY A 604 8.87 -19.76 6.78
C GLY A 604 8.48 -20.44 5.50
N PHE A 605 9.28 -20.22 4.46
CA PHE A 605 9.01 -20.88 3.18
C PHE A 605 10.21 -21.61 2.64
N PRO A 606 10.41 -22.88 3.05
CA PRO A 606 11.56 -23.62 2.51
C PRO A 606 11.52 -23.58 0.97
N LYS A 607 12.70 -23.71 0.35
CA LYS A 607 12.81 -23.50 -1.09
C LYS A 607 11.78 -24.37 -1.81
N SER A 608 11.47 -25.49 -1.22
CA SER A 608 10.65 -26.48 -1.91
C SER A 608 9.18 -26.10 -1.88
N GLU A 609 8.83 -25.13 -1.01
CA GLU A 609 7.44 -24.69 -0.76
C GLU A 609 7.20 -23.27 -1.33
N ARG A 610 7.81 -23.01 -2.49
CA ARG A 610 7.74 -21.66 -3.08
C ARG A 610 7.10 -21.69 -4.46
N PRO A 611 5.76 -21.87 -4.48
CA PRO A 611 5.07 -22.16 -5.74
C PRO A 611 5.03 -20.94 -6.66
N SER A 612 4.90 -21.20 -7.95
CA SER A 612 4.66 -20.09 -8.88
C SER A 612 3.36 -20.39 -9.64
N TYR A 613 2.66 -19.35 -10.11
CA TYR A 613 1.34 -19.57 -10.74
C TYR A 613 1.31 -18.93 -12.11
N SER A 614 0.78 -19.62 -13.11
CA SER A 614 0.59 -19.03 -14.46
C SER A 614 -0.57 -18.05 -14.49
N LEU A 615 -0.63 -17.26 -15.53
CA LEU A 615 -1.76 -16.38 -15.69
C LEU A 615 -3.07 -17.20 -15.81
N ALA A 616 -3.01 -18.32 -16.51
CA ALA A 616 -4.25 -19.13 -16.66
C ALA A 616 -4.78 -19.53 -15.25
N GLU A 617 -3.89 -19.93 -14.37
CA GLU A 617 -4.28 -20.28 -13.02
C GLU A 617 -4.82 -19.11 -12.25
N ILE A 618 -4.09 -18.00 -12.23
CA ILE A 618 -4.57 -16.80 -11.55
C ILE A 618 -5.96 -16.38 -12.07
N ARG A 619 -6.17 -16.49 -13.38
CA ARG A 619 -7.44 -16.11 -14.01
C ARG A 619 -8.55 -17.05 -13.52
N HIS A 620 -8.27 -18.34 -13.55
CA HIS A 620 -9.25 -19.30 -13.07
C HIS A 620 -9.71 -19.03 -11.61
N TRP A 621 -8.74 -18.82 -10.70
CA TRP A 621 -9.09 -18.67 -9.29
C TRP A 621 -9.72 -17.33 -9.05
N LEU A 622 -9.41 -16.36 -9.93
CA LEU A 622 -10.02 -15.07 -9.83
C LEU A 622 -11.49 -15.09 -10.28
N GLN A 623 -11.84 -15.86 -11.30
CA GLN A 623 -13.26 -15.99 -11.66
C GLN A 623 -14.05 -16.60 -10.48
N ILE A 624 -13.46 -17.62 -9.85
CA ILE A 624 -14.09 -18.26 -8.71
C ILE A 624 -14.19 -17.21 -7.57
N PHE A 625 -13.12 -16.46 -7.35
CA PHE A 625 -13.11 -15.42 -6.29
C PHE A 625 -14.28 -14.41 -6.46
N VAL A 626 -14.39 -13.80 -7.65
CA VAL A 626 -15.40 -12.73 -7.81
C VAL A 626 -16.82 -13.28 -7.73
N GLN A 627 -17.05 -14.48 -8.27
CA GLN A 627 -18.35 -15.12 -8.12
C GLN A 627 -18.66 -15.36 -6.64
N ARG A 628 -17.75 -16.00 -5.90
CA ARG A 628 -18.04 -16.35 -4.51
C ARG A 628 -18.13 -15.07 -3.67
N PHE A 629 -17.21 -14.17 -3.89
CA PHE A 629 -17.14 -12.99 -3.03
C PHE A 629 -18.31 -12.02 -3.26
N TYR A 630 -18.52 -11.65 -4.52
CA TYR A 630 -19.52 -10.61 -4.77
C TYR A 630 -20.94 -11.15 -4.73
N SER A 631 -21.12 -12.45 -4.99
CA SER A 631 -22.44 -12.91 -5.23
C SER A 631 -22.89 -13.96 -4.20
N PHE A 632 -22.16 -15.08 -4.16
CA PHE A 632 -22.58 -16.25 -3.39
C PHE A 632 -22.46 -16.09 -1.87
N SER A 633 -21.42 -15.42 -1.40
CA SER A 633 -21.02 -15.57 0.00
C SER A 633 -21.57 -14.53 0.98
N GLN A 634 -22.06 -13.41 0.46
CA GLN A 634 -22.46 -12.29 1.34
C GLN A 634 -23.56 -12.72 2.34
N PHE A 635 -24.52 -13.53 1.91
CA PHE A 635 -25.58 -13.89 2.84
C PHE A 635 -25.04 -14.56 4.12
N LYS A 636 -23.94 -15.31 4.00
CA LYS A 636 -23.42 -16.06 5.14
C LYS A 636 -22.72 -15.09 6.11
N ARG A 637 -22.22 -13.99 5.58
CA ARG A 637 -21.49 -13.00 6.38
C ARG A 637 -22.48 -12.04 7.03
N SER A 638 -23.69 -12.04 6.54
CA SER A 638 -24.57 -10.91 6.79
C SER A 638 -24.99 -10.99 8.27
N ALA A 639 -25.00 -12.21 8.80
CA ALA A 639 -25.19 -12.45 10.20
C ALA A 639 -23.91 -13.05 10.83
N LEU A 640 -22.85 -12.27 10.99
CA LEU A 640 -21.62 -12.72 11.66
C LEU A 640 -21.65 -12.41 13.14
N PRO A 641 -21.05 -13.29 13.95
CA PRO A 641 -20.65 -13.13 15.34
C PRO A 641 -19.63 -11.97 15.52
N ASN A 642 -19.59 -11.45 16.74
CA ASN A 642 -18.65 -10.42 17.11
C ASN A 642 -17.22 -10.97 17.09
N GLY A 643 -16.27 -10.09 16.86
CA GLY A 643 -14.86 -10.48 16.82
C GLY A 643 -14.15 -9.24 16.32
N PRO A 644 -12.83 -9.12 16.60
CA PRO A 644 -12.27 -7.82 16.29
C PRO A 644 -11.70 -7.75 14.87
N LYS A 645 -11.78 -6.56 14.26
CA LYS A 645 -11.06 -6.29 13.03
C LYS A 645 -9.57 -6.41 13.30
N VAL A 646 -8.83 -7.00 12.36
CA VAL A 646 -7.39 -7.22 12.58
C VAL A 646 -6.48 -6.49 11.59
N SER A 647 -6.75 -6.63 10.30
CA SER A 647 -5.83 -6.19 9.26
C SER A 647 -6.15 -4.79 8.80
N HIS A 648 -5.12 -4.03 8.46
CA HIS A 648 -5.43 -2.71 7.90
C HIS A 648 -6.12 -2.92 6.55
N GLY A 649 -5.99 -4.11 5.94
CA GLY A 649 -6.62 -4.35 4.65
C GLY A 649 -8.15 -4.38 4.74
N GLY A 650 -8.64 -4.68 5.94
CA GLY A 650 -10.08 -4.80 6.18
C GLY A 650 -10.45 -6.06 6.94
N ALA A 651 -11.65 -6.08 7.51
CA ALA A 651 -12.30 -7.33 7.88
C ALA A 651 -13.63 -7.39 7.10
N LEU A 652 -14.50 -8.35 7.38
CA LEU A 652 -15.71 -8.49 6.56
C LEU A 652 -17.00 -8.39 7.38
N SER A 653 -16.91 -7.72 8.52
CA SER A 653 -18.11 -7.56 9.34
C SER A 653 -19.10 -6.67 8.56
N PRO A 654 -20.37 -7.12 8.48
CA PRO A 654 -21.34 -6.23 7.82
C PRO A 654 -21.70 -5.04 8.71
N ARG A 655 -21.22 -5.04 9.95
CA ARG A 655 -21.33 -3.91 10.86
C ARG A 655 -20.13 -2.98 10.71
N GLY A 656 -19.18 -3.33 9.85
CA GLY A 656 -17.89 -2.73 9.87
C GLY A 656 -17.47 -2.35 8.45
N ASP A 657 -16.41 -3.01 8.00
CA ASP A 657 -15.76 -2.75 6.73
C ASP A 657 -16.51 -3.11 5.47
N TRP A 658 -17.51 -3.98 5.58
CA TRP A 658 -18.06 -4.47 4.31
C TRP A 658 -19.56 -4.55 4.34
N ARG A 659 -20.19 -3.55 3.76
CA ARG A 659 -21.67 -3.46 3.65
C ARG A 659 -22.03 -3.73 2.18
N ALA A 660 -22.79 -4.77 1.96
CA ALA A 660 -23.08 -5.24 0.61
C ALA A 660 -24.35 -6.07 0.58
N PRO A 661 -24.96 -6.13 -0.62
CA PRO A 661 -26.23 -6.84 -0.68
C PRO A 661 -26.01 -8.35 -0.71
N SER A 662 -26.97 -9.09 -0.15
CA SER A 662 -26.86 -10.56 -0.10
C SER A 662 -27.44 -11.19 -1.37
N ASP A 663 -27.94 -10.38 -2.30
CA ASP A 663 -28.78 -10.93 -3.39
C ASP A 663 -28.35 -10.32 -4.76
N MET A 664 -27.05 -10.18 -4.97
CA MET A 664 -26.52 -9.53 -6.18
C MET A 664 -25.78 -10.58 -7.03
N SER A 665 -25.79 -10.37 -8.34
CA SER A 665 -25.03 -11.15 -9.32
C SER A 665 -23.59 -10.66 -9.44
N ALA A 666 -22.65 -11.54 -9.77
CA ALA A 666 -21.31 -11.04 -10.06
C ALA A 666 -21.09 -10.91 -11.58
N ARG A 667 -22.17 -10.75 -12.36
CA ARG A 667 -22.02 -10.80 -13.83
C ARG A 667 -20.94 -9.80 -14.35
N ILE A 668 -20.98 -8.56 -13.88
CA ILE A 668 -20.08 -7.58 -14.52
C ILE A 668 -18.63 -7.86 -14.23
N TRP A 669 -18.33 -8.51 -13.08
CA TRP A 669 -16.93 -8.79 -12.77
C TRP A 669 -16.50 -9.97 -13.65
N LEU A 670 -17.35 -10.98 -13.78
CA LEU A 670 -16.97 -12.11 -14.60
C LEU A 670 -16.74 -11.68 -16.08
N ASP A 671 -17.62 -10.81 -16.54
CA ASP A 671 -17.54 -10.28 -17.92
C ASP A 671 -16.27 -9.49 -18.12
N GLN A 672 -15.87 -8.72 -17.10
CA GLN A 672 -14.62 -7.94 -17.16
C GLN A 672 -13.42 -8.86 -17.34
N ILE A 673 -13.41 -9.95 -16.59
CA ILE A 673 -12.36 -10.96 -16.79
C ILE A 673 -12.41 -11.50 -18.24
N ASP A 674 -13.61 -11.79 -18.74
CA ASP A 674 -13.70 -12.41 -20.09
C ASP A 674 -13.13 -11.43 -21.10
N ARG A 675 -13.52 -10.16 -20.96
CA ARG A 675 -13.06 -9.14 -21.90
C ARG A 675 -11.57 -8.76 -21.80
N GLU A 676 -11.06 -8.69 -20.57
CA GLU A 676 -9.75 -8.05 -20.40
C GLU A 676 -8.56 -8.91 -19.94
N VAL A 677 -8.79 -10.13 -19.45
CA VAL A 677 -7.68 -10.96 -19.01
C VAL A 677 -7.41 -12.07 -20.02
N PRO A 678 -6.20 -12.12 -20.61
CA PRO A 678 -5.93 -13.20 -21.59
C PRO A 678 -6.13 -14.60 -20.97
N LYS A 679 -6.51 -15.57 -21.79
CA LYS A 679 -6.78 -16.92 -21.33
C LYS A 679 -5.55 -17.57 -20.67
N GLY A 680 -4.35 -17.10 -21.03
CA GLY A 680 -3.12 -17.72 -20.53
C GLY A 680 -1.90 -16.92 -20.93
#